data_2XM3
#
_entry.id   2XM3
#
_cell.length_a   104.583
_cell.length_b   128.384
_cell.length_c   140.222
_cell.angle_alpha   90.00
_cell.angle_beta   90.00
_cell.angle_gamma   90.00
#
_symmetry.space_group_name_H-M   'P 21 21 21'
#
loop_
_entity.id
_entity.type
_entity.pdbx_description
1 polymer TRANSPOSASE
2 polymer 'DRA2 TRANSPOSASE BINDING ELEMENT'
3 polymer "5'-D(*TP*TP*AP*GP*T)-3'"
4 non-polymer 'ACETATE ION'
5 non-polymer 'MAGNESIUM ION'
6 non-polymer GLYCEROL
7 water water
#
loop_
_entity_poly.entity_id
_entity_poly.type
_entity_poly.pdbx_seq_one_letter_code
_entity_poly.pdbx_strand_id
1 'polypeptide(L)'
;MTYVILPLEMKKGRGYVYQLEYHLIWCVKYRHQVLVGEVADGLKDILRDIAAQNGLEVITMEVMPDHVHLLLSATPQQAI
PDFVKALKGASARRMFVAYPQLKEKLWGGNLWNPSYCILTVSENTRAQIQKYIESQHDKE
;
A,B,C,D,E,F
2 'polydeoxyribonucleotide'
;(DC)(DG)(DC)(DA)(DC)(DA)(DC)(DT)(DC)(DG)(DT)(DG)(DA)(DC)(DT)(DT)(DC)(DA)(DG)(DT)
(DC)(DA)(DT)(DG)(DA)(DG)(DT)
;
G,I,K,M,O,Q
3 'polydeoxyribonucleotide' (DT)(DT)(DG)(DA)(DT) H,J,L,N,P,R
#
# COMPACT_ATOMS: atom_id res chain seq x y z
N GLU A 9 28.51 -44.79 -25.05
CA GLU A 9 27.66 -45.42 -24.04
C GLU A 9 27.31 -44.44 -22.91
N MET A 10 28.34 -43.95 -22.23
CA MET A 10 28.18 -43.04 -21.10
C MET A 10 28.17 -41.57 -21.49
N LYS A 11 27.22 -40.81 -20.99
CA LYS A 11 27.15 -39.39 -21.32
C LYS A 11 27.84 -38.57 -20.23
N LYS A 12 28.35 -37.41 -20.61
CA LYS A 12 29.08 -36.57 -19.66
C LYS A 12 28.49 -35.16 -19.60
N GLY A 13 28.44 -34.60 -18.41
CA GLY A 13 27.95 -33.25 -18.20
C GLY A 13 29.00 -32.56 -17.33
N ARG A 14 28.76 -31.31 -16.92
CA ARG A 14 29.76 -30.61 -16.11
C ARG A 14 30.31 -31.33 -14.87
N GLY A 15 29.43 -31.83 -14.01
CA GLY A 15 29.89 -32.48 -12.78
C GLY A 15 29.34 -33.87 -12.61
N TYR A 16 29.15 -34.58 -13.72
CA TYR A 16 28.58 -35.91 -13.64
C TYR A 16 28.72 -36.69 -14.92
N VAL A 17 28.67 -38.01 -14.76
CA VAL A 17 28.80 -38.96 -15.86
C VAL A 17 27.57 -39.84 -15.65
N TYR A 18 26.84 -40.14 -16.71
CA TYR A 18 25.60 -40.88 -16.53
C TYR A 18 25.05 -41.63 -17.74
N GLN A 19 24.01 -42.40 -17.47
CA GLN A 19 23.28 -43.14 -18.48
C GLN A 19 21.93 -43.35 -17.81
N LEU A 20 20.96 -42.53 -18.15
CA LEU A 20 19.64 -42.62 -17.54
C LEU A 20 18.54 -42.88 -18.54
N GLU A 21 17.88 -44.03 -18.40
CA GLU A 21 16.81 -44.40 -19.31
C GLU A 21 15.59 -44.84 -18.54
N TYR A 22 14.42 -44.48 -19.03
CA TYR A 22 13.19 -44.86 -18.34
C TYR A 22 12.09 -45.25 -19.31
N HIS A 23 11.22 -46.15 -18.88
CA HIS A 23 10.07 -46.52 -19.67
C HIS A 23 9.02 -45.68 -18.98
N LEU A 24 8.22 -44.97 -19.74
CA LEU A 24 7.16 -44.11 -19.20
C LEU A 24 5.88 -44.47 -19.96
N ILE A 25 4.84 -44.77 -19.22
CA ILE A 25 3.55 -45.12 -19.79
C ILE A 25 2.43 -44.33 -19.07
N TRP A 26 1.43 -43.91 -19.83
CA TRP A 26 0.25 -43.27 -19.29
C TRP A 26 -0.91 -43.56 -20.26
N CYS A 27 -2.12 -43.51 -19.75
CA CYS A 27 -3.31 -43.82 -20.51
C CYS A 27 -4.19 -42.62 -20.82
N VAL A 28 -5.14 -42.81 -21.71
CA VAL A 28 -6.09 -41.76 -22.02
C VAL A 28 -7.09 -41.74 -20.86
N LYS A 29 -7.62 -40.57 -20.56
CA LYS A 29 -8.62 -40.43 -19.50
C LYS A 29 -9.84 -41.33 -19.84
N TYR A 30 -10.37 -42.03 -18.85
CA TYR A 30 -11.51 -42.97 -19.01
C TYR A 30 -11.10 -44.10 -19.94
N ARG A 31 -9.83 -44.18 -20.28
CA ARG A 31 -9.29 -45.20 -21.18
C ARG A 31 -9.97 -45.19 -22.55
N HIS A 32 -10.46 -44.03 -22.96
CA HIS A 32 -11.11 -43.91 -24.26
C HIS A 32 -10.06 -44.19 -25.30
N GLN A 33 -10.42 -44.98 -26.31
CA GLN A 33 -9.47 -45.29 -27.36
C GLN A 33 -9.44 -44.26 -28.48
N VAL A 34 -9.07 -43.02 -28.15
CA VAL A 34 -9.01 -41.93 -29.15
C VAL A 34 -7.74 -41.83 -29.98
N LEU A 35 -6.61 -42.28 -29.44
CA LEU A 35 -5.34 -42.17 -30.15
C LEU A 35 -5.24 -43.03 -31.40
N VAL A 36 -5.84 -42.55 -32.47
CA VAL A 36 -5.85 -43.26 -33.74
C VAL A 36 -5.65 -42.30 -34.90
N GLY A 37 -5.23 -42.85 -36.04
CA GLY A 37 -5.02 -42.07 -37.24
C GLY A 37 -4.25 -40.77 -37.11
N GLU A 38 -4.84 -39.70 -37.62
CA GLU A 38 -4.22 -38.38 -37.60
C GLU A 38 -3.90 -37.86 -36.20
N VAL A 39 -4.74 -38.21 -35.23
CA VAL A 39 -4.54 -37.79 -33.85
C VAL A 39 -3.31 -38.48 -33.27
N ALA A 40 -3.13 -39.74 -33.61
CA ALA A 40 -1.99 -40.48 -33.10
C ALA A 40 -0.72 -39.92 -33.73
N ASP A 41 -0.78 -39.61 -35.02
CA ASP A 41 0.39 -39.07 -35.72
C ASP A 41 0.78 -37.72 -35.21
N GLY A 42 -0.22 -36.89 -34.95
CA GLY A 42 0.05 -35.54 -34.47
C GLY A 42 0.67 -35.60 -33.09
N LEU A 43 0.17 -36.51 -32.25
CA LEU A 43 0.68 -36.66 -30.90
C LEU A 43 2.18 -36.93 -30.94
N LYS A 44 2.62 -37.78 -31.86
CA LYS A 44 4.03 -38.11 -31.98
C LYS A 44 4.96 -36.89 -32.10
N ASP A 45 4.63 -35.98 -33.03
CA ASP A 45 5.45 -34.78 -33.25
C ASP A 45 5.40 -33.91 -32.00
N ILE A 46 4.22 -33.80 -31.41
CA ILE A 46 4.04 -33.03 -30.21
C ILE A 46 4.93 -33.54 -29.07
N LEU A 47 4.90 -34.85 -28.80
CA LEU A 47 5.73 -35.40 -27.74
C LEU A 47 7.22 -35.24 -28.07
N ARG A 48 7.62 -35.50 -29.33
CA ARG A 48 9.03 -35.34 -29.70
C ARG A 48 9.53 -33.90 -29.47
N ASP A 49 8.72 -32.92 -29.86
CA ASP A 49 9.09 -31.52 -29.67
C ASP A 49 9.24 -31.19 -28.18
N ILE A 50 8.31 -31.72 -27.39
CA ILE A 50 8.33 -31.47 -25.94
C ILE A 50 9.59 -32.07 -25.32
N ALA A 51 9.91 -33.29 -25.75
CA ALA A 51 11.07 -34.02 -25.27
C ALA A 51 12.36 -33.26 -25.53
N ALA A 52 12.54 -32.80 -26.77
CA ALA A 52 13.74 -32.04 -27.16
C ALA A 52 13.83 -30.75 -26.33
N GLN A 53 12.72 -30.05 -26.23
CA GLN A 53 12.66 -28.81 -25.45
C GLN A 53 13.05 -29.08 -24.00
N ASN A 54 12.86 -30.31 -23.53
CA ASN A 54 13.20 -30.65 -22.15
C ASN A 54 14.50 -31.42 -21.98
N GLY A 55 15.33 -31.41 -23.00
CA GLY A 55 16.60 -32.12 -22.92
C GLY A 55 16.43 -33.61 -22.79
N LEU A 56 15.35 -34.16 -23.33
CA LEU A 56 15.14 -35.60 -23.29
C LEU A 56 15.27 -36.17 -24.70
N GLU A 57 15.64 -37.44 -24.78
CA GLU A 57 15.76 -38.12 -26.04
C GLU A 57 14.72 -39.24 -26.07
N VAL A 58 13.89 -39.24 -27.10
CA VAL A 58 12.87 -40.26 -27.26
C VAL A 58 13.55 -41.44 -27.98
N ILE A 59 13.87 -42.49 -27.23
CA ILE A 59 14.52 -43.65 -27.82
C ILE A 59 13.47 -44.47 -28.60
N THR A 60 12.36 -44.79 -27.93
CA THR A 60 11.27 -45.55 -28.51
C THR A 60 9.94 -44.88 -28.14
N MET A 61 9.00 -44.87 -29.08
CA MET A 61 7.68 -44.29 -28.85
C MET A 61 6.59 -45.18 -29.46
N GLU A 62 5.60 -45.52 -28.63
CA GLU A 62 4.50 -46.35 -29.07
C GLU A 62 3.20 -45.66 -28.69
N VAL A 63 2.44 -45.28 -29.70
CA VAL A 63 1.16 -44.66 -29.44
C VAL A 63 0.07 -45.69 -29.74
N MET A 64 -0.59 -46.18 -28.71
CA MET A 64 -1.69 -47.14 -28.83
C MET A 64 -2.95 -46.29 -28.71
N PRO A 65 -4.10 -46.80 -29.17
CA PRO A 65 -5.35 -46.03 -29.09
C PRO A 65 -5.70 -45.44 -27.74
N ASP A 66 -5.44 -46.20 -26.67
CA ASP A 66 -5.77 -45.74 -25.31
C ASP A 66 -4.57 -45.42 -24.40
N HIS A 67 -3.35 -45.51 -24.89
CA HIS A 67 -2.19 -45.21 -24.05
C HIS A 67 -0.94 -44.96 -24.85
N VAL A 68 0.08 -44.41 -24.18
CA VAL A 68 1.35 -44.08 -24.81
C VAL A 68 2.48 -44.74 -24.05
N HIS A 69 3.51 -45.20 -24.76
CA HIS A 69 4.67 -45.83 -24.14
C HIS A 69 5.93 -45.20 -24.69
N LEU A 70 6.78 -44.69 -23.80
CA LEU A 70 8.03 -44.09 -24.25
C LEU A 70 9.19 -44.68 -23.54
N LEU A 71 10.30 -44.76 -24.24
CA LEU A 71 11.55 -45.19 -23.65
C LEU A 71 12.33 -43.90 -23.79
N LEU A 72 12.75 -43.30 -22.68
CA LEU A 72 13.48 -42.04 -22.70
C LEU A 72 14.90 -42.10 -22.15
N SER A 73 15.72 -41.18 -22.62
CA SER A 73 17.09 -41.05 -22.17
C SER A 73 17.11 -39.62 -21.58
N ALA A 74 17.59 -39.47 -20.35
CA ALA A 74 17.60 -38.15 -19.72
C ALA A 74 18.93 -37.78 -19.04
N THR A 75 19.02 -36.55 -18.56
CA THR A 75 20.22 -36.14 -17.82
C THR A 75 19.85 -36.22 -16.35
N PRO A 76 20.83 -36.08 -15.45
CA PRO A 76 20.52 -36.15 -14.03
C PRO A 76 19.63 -35.03 -13.57
N GLN A 77 19.76 -33.86 -14.21
CA GLN A 77 18.96 -32.71 -13.82
C GLN A 77 17.48 -32.73 -14.27
N GLN A 78 17.06 -33.76 -14.99
CA GLN A 78 15.68 -33.85 -15.38
C GLN A 78 14.91 -34.69 -14.38
N ALA A 79 14.17 -34.01 -13.50
CA ALA A 79 13.38 -34.72 -12.48
C ALA A 79 12.12 -35.31 -13.09
N ILE A 80 11.75 -36.48 -12.61
CA ILE A 80 10.61 -37.20 -13.13
C ILE A 80 9.26 -36.44 -13.13
N PRO A 81 8.83 -35.91 -11.98
CA PRO A 81 7.56 -35.18 -11.99
C PRO A 81 7.60 -34.00 -12.96
N ASP A 82 8.77 -33.40 -13.14
CA ASP A 82 8.91 -32.30 -14.08
C ASP A 82 8.76 -32.71 -15.53
N PHE A 83 9.52 -33.70 -16.00
CA PHE A 83 9.36 -34.06 -17.40
C PHE A 83 8.07 -34.83 -17.72
N VAL A 84 7.49 -35.53 -16.74
CA VAL A 84 6.25 -36.24 -16.94
C VAL A 84 5.20 -35.15 -17.15
N LYS A 85 5.27 -34.12 -16.30
CA LYS A 85 4.35 -32.99 -16.38
C LYS A 85 4.45 -32.28 -17.73
N ALA A 86 5.68 -32.07 -18.21
CA ALA A 86 5.85 -31.41 -19.50
C ALA A 86 5.21 -32.27 -20.59
N LEU A 87 5.61 -33.54 -20.66
CA LEU A 87 5.10 -34.47 -21.67
C LEU A 87 3.58 -34.62 -21.68
N LYS A 88 2.98 -34.86 -20.51
CA LYS A 88 1.54 -34.99 -20.45
C LYS A 88 0.75 -33.67 -20.51
N GLY A 89 1.14 -32.69 -19.68
CA GLY A 89 0.45 -31.41 -19.64
C GLY A 89 0.51 -30.63 -20.94
N ALA A 90 1.69 -30.49 -21.50
CA ALA A 90 1.80 -29.74 -22.75
C ALA A 90 1.20 -30.48 -23.92
N SER A 91 1.26 -31.82 -23.93
CA SER A 91 0.68 -32.56 -25.05
C SER A 91 -0.84 -32.46 -25.02
N ALA A 92 -1.45 -32.51 -23.83
CA ALA A 92 -2.90 -32.38 -23.76
C ALA A 92 -3.34 -31.01 -24.29
N ARG A 93 -2.59 -29.99 -23.92
CA ARG A 93 -2.87 -28.65 -24.36
C ARG A 93 -2.83 -28.49 -25.87
N ARG A 94 -1.79 -29.01 -26.51
CA ARG A 94 -1.68 -28.86 -27.95
C ARG A 94 -2.62 -29.78 -28.70
N MET A 95 -2.86 -30.97 -28.15
CA MET A 95 -3.76 -31.93 -28.78
C MET A 95 -5.19 -31.36 -28.86
N PHE A 96 -5.68 -30.78 -27.77
CA PHE A 96 -7.01 -30.20 -27.80
C PHE A 96 -7.11 -29.04 -28.76
N VAL A 97 -6.04 -28.25 -28.84
CA VAL A 97 -6.00 -27.12 -29.75
C VAL A 97 -6.01 -27.62 -31.19
N ALA A 98 -5.19 -28.64 -31.46
CA ALA A 98 -5.07 -29.19 -32.81
C ALA A 98 -6.17 -30.15 -33.25
N TYR A 99 -6.79 -30.85 -32.31
CA TYR A 99 -7.86 -31.77 -32.67
C TYR A 99 -9.06 -31.52 -31.82
N PRO A 100 -9.83 -30.47 -32.15
CA PRO A 100 -11.04 -30.07 -31.44
C PRO A 100 -12.00 -31.22 -31.28
N GLN A 101 -12.04 -32.13 -32.26
CA GLN A 101 -12.94 -33.27 -32.19
C GLN A 101 -12.75 -34.10 -30.91
N LEU A 102 -11.56 -34.02 -30.31
CA LEU A 102 -11.31 -34.77 -29.08
C LEU A 102 -12.25 -34.34 -27.96
N LYS A 103 -12.79 -33.12 -28.06
CA LYS A 103 -13.73 -32.60 -27.06
C LYS A 103 -15.06 -33.35 -27.03
N GLU A 104 -15.40 -34.08 -28.08
CA GLU A 104 -16.71 -34.76 -28.08
C GLU A 104 -16.81 -35.99 -27.19
N LYS A 105 -15.66 -36.55 -26.82
CA LYS A 105 -15.63 -37.69 -25.93
C LYS A 105 -14.83 -37.35 -24.66
N LEU A 106 -14.12 -36.22 -24.70
CA LEU A 106 -13.32 -35.74 -23.56
C LEU A 106 -13.58 -34.24 -23.41
N TRP A 107 -14.64 -33.90 -22.69
CA TRP A 107 -15.03 -32.49 -22.49
C TRP A 107 -14.78 -31.97 -21.07
N GLY A 108 -14.21 -32.82 -20.23
CA GLY A 108 -13.94 -32.43 -18.86
C GLY A 108 -12.60 -31.74 -18.62
N GLY A 109 -11.87 -31.39 -19.68
CA GLY A 109 -10.58 -30.74 -19.50
C GLY A 109 -9.39 -31.68 -19.31
N ASN A 110 -9.58 -32.99 -19.53
CA ASN A 110 -8.50 -33.94 -19.38
C ASN A 110 -8.42 -34.82 -20.59
N LEU A 111 -7.23 -34.95 -21.16
CA LEU A 111 -7.04 -35.87 -22.26
C LEU A 111 -6.48 -37.15 -21.60
N TRP A 112 -5.62 -36.95 -20.60
CA TRP A 112 -4.93 -38.05 -19.93
C TRP A 112 -5.41 -38.53 -18.56
N ASN A 113 -5.14 -39.79 -18.28
CA ASN A 113 -5.40 -40.41 -16.99
C ASN A 113 -4.42 -39.63 -16.05
N PRO A 114 -4.82 -39.33 -14.81
CA PRO A 114 -3.90 -38.60 -13.94
C PRO A 114 -2.67 -39.34 -13.35
N SER A 115 -2.46 -40.60 -13.69
CA SER A 115 -1.32 -41.35 -13.16
C SER A 115 -0.32 -41.68 -14.27
N TYR A 116 0.90 -42.04 -13.87
CA TYR A 116 1.91 -42.42 -14.83
C TYR A 116 2.69 -43.61 -14.31
N CYS A 117 3.21 -44.41 -15.22
CA CYS A 117 3.96 -45.58 -14.85
C CYS A 117 5.36 -45.33 -15.35
N ILE A 118 6.34 -45.43 -14.47
CA ILE A 118 7.72 -45.19 -14.89
C ILE A 118 8.68 -46.19 -14.27
N LEU A 119 9.61 -46.69 -15.10
CA LEU A 119 10.57 -47.67 -14.64
C LEU A 119 11.98 -47.35 -15.11
N THR A 120 12.95 -47.50 -14.23
CA THR A 120 14.32 -47.29 -14.62
C THR A 120 14.74 -48.47 -15.54
N VAL A 121 15.58 -48.18 -16.51
CA VAL A 121 16.03 -49.17 -17.48
C VAL A 121 17.55 -49.22 -17.60
N SER A 122 18.12 -50.41 -17.82
CA SER A 122 19.56 -50.48 -18.00
C SER A 122 20.01 -51.34 -19.19
N GLU A 123 20.43 -52.56 -18.90
CA GLU A 123 20.93 -53.51 -19.92
C GLU A 123 21.01 -54.80 -19.12
N ASN A 124 21.59 -54.67 -17.93
CA ASN A 124 21.73 -55.76 -17.00
C ASN A 124 20.73 -55.49 -15.87
N THR A 125 20.20 -56.57 -15.31
CA THR A 125 19.21 -56.54 -14.24
C THR A 125 19.88 -56.13 -12.93
N ARG A 126 19.10 -55.65 -11.96
CA ARG A 126 19.68 -55.25 -10.68
C ARG A 126 20.33 -56.43 -9.98
N ALA A 127 19.81 -57.63 -10.20
CA ALA A 127 20.39 -58.83 -9.62
C ALA A 127 21.82 -58.99 -10.19
N GLN A 128 21.93 -58.79 -11.50
CA GLN A 128 23.21 -58.88 -12.20
C GLN A 128 24.18 -57.76 -11.76
N ILE A 129 23.62 -56.60 -11.39
CA ILE A 129 24.43 -55.46 -10.93
C ILE A 129 24.93 -55.79 -9.51
N GLN A 130 24.04 -56.31 -8.67
CA GLN A 130 24.36 -56.71 -7.30
C GLN A 130 25.55 -57.66 -7.25
N LYS A 131 25.52 -58.67 -8.12
CA LYS A 131 26.60 -59.65 -8.17
C LYS A 131 27.90 -59.03 -8.68
N TYR A 132 27.83 -58.25 -9.75
CA TYR A 132 29.03 -57.61 -10.31
C TYR A 132 29.78 -56.86 -9.22
N ILE A 133 29.02 -56.29 -8.28
CA ILE A 133 29.60 -55.56 -7.16
C ILE A 133 30.18 -56.61 -6.20
N GLU A 134 31.37 -57.09 -6.54
CA GLU A 134 32.10 -58.11 -5.79
C GLU A 134 33.59 -58.11 -6.15
N LEU B 6 6.72 -64.31 -14.55
CA LEU B 6 6.48 -63.49 -13.37
C LEU B 6 6.14 -62.03 -13.70
N PRO B 7 5.11 -61.50 -13.03
CA PRO B 7 4.61 -60.12 -13.20
C PRO B 7 5.62 -59.05 -12.80
N LEU B 8 5.38 -57.82 -13.27
CA LEU B 8 6.26 -56.70 -12.97
C LEU B 8 6.28 -56.38 -11.48
N GLU B 9 7.48 -56.26 -10.93
CA GLU B 9 7.66 -55.87 -9.54
C GLU B 9 7.45 -54.36 -9.59
N MET B 10 6.44 -53.85 -8.86
CA MET B 10 6.15 -52.40 -8.85
C MET B 10 5.58 -51.82 -7.58
N LYS B 11 5.79 -50.53 -7.39
CA LYS B 11 5.33 -49.82 -6.22
C LYS B 11 4.27 -48.80 -6.62
N LYS B 12 3.44 -48.37 -5.67
CA LYS B 12 2.36 -47.45 -5.97
C LYS B 12 2.32 -46.29 -5.02
N GLY B 13 2.06 -45.11 -5.56
CA GLY B 13 1.97 -43.91 -4.76
C GLY B 13 0.68 -43.26 -5.17
N ARG B 14 0.44 -42.03 -4.73
CA ARG B 14 -0.81 -41.38 -5.07
C ARG B 14 -1.16 -41.33 -6.57
N GLY B 15 -0.28 -40.76 -7.39
CA GLY B 15 -0.60 -40.66 -8.81
C GLY B 15 0.40 -41.32 -9.72
N TYR B 16 0.98 -42.42 -9.25
CA TYR B 16 2.00 -43.09 -10.04
C TYR B 16 2.31 -44.52 -9.60
N VAL B 17 2.77 -45.30 -10.56
CA VAL B 17 3.16 -46.68 -10.31
C VAL B 17 4.61 -46.72 -10.79
N TYR B 18 5.51 -47.30 -10.01
CA TYR B 18 6.89 -47.23 -10.43
C TYR B 18 7.83 -48.25 -9.85
N GLN B 19 9.01 -48.32 -10.47
CA GLN B 19 10.09 -49.18 -10.00
C GLN B 19 11.33 -48.38 -10.43
N LEU B 20 11.98 -47.74 -9.45
CA LEU B 20 13.12 -46.90 -9.79
C LEU B 20 14.36 -47.24 -9.02
N GLU B 21 15.39 -47.66 -9.76
CA GLU B 21 16.65 -48.01 -9.15
C GLU B 21 17.81 -47.37 -9.87
N TYR B 22 18.82 -46.98 -9.10
CA TYR B 22 20.01 -46.33 -9.66
C TYR B 22 21.29 -46.89 -9.07
N HIS B 23 22.34 -46.86 -9.87
CA HIS B 23 23.65 -47.31 -9.46
C HIS B 23 24.41 -45.98 -9.40
N LEU B 24 24.73 -45.54 -8.20
CA LEU B 24 25.43 -44.29 -7.91
C LEU B 24 26.86 -44.53 -7.46
N ILE B 25 27.81 -43.86 -8.09
CA ILE B 25 29.22 -44.04 -7.74
C ILE B 25 29.92 -42.70 -7.61
N TRP B 26 30.83 -42.59 -6.63
CA TRP B 26 31.61 -41.36 -6.50
C TRP B 26 32.96 -41.72 -5.87
N CYS B 27 33.97 -40.91 -6.17
CA CYS B 27 35.34 -41.13 -5.67
C CYS B 27 35.79 -40.15 -4.59
N VAL B 28 36.84 -40.53 -3.88
CA VAL B 28 37.44 -39.66 -2.88
C VAL B 28 38.23 -38.60 -3.67
N LYS B 29 38.31 -37.39 -3.15
CA LYS B 29 39.04 -36.32 -3.82
C LYS B 29 40.50 -36.77 -4.04
N TYR B 30 41.04 -36.43 -5.22
CA TYR B 30 42.43 -36.79 -5.63
C TYR B 30 42.58 -38.29 -5.76
N ARG B 31 41.49 -39.01 -5.60
CA ARG B 31 41.48 -40.47 -5.62
C ARG B 31 42.40 -41.06 -4.51
N HIS B 32 42.46 -40.37 -3.35
CA HIS B 32 43.27 -40.83 -2.21
C HIS B 32 42.60 -42.03 -1.60
N GLN B 33 43.41 -43.07 -1.32
CA GLN B 33 42.89 -44.30 -0.72
C GLN B 33 42.68 -44.25 0.80
N VAL B 34 41.81 -43.36 1.29
CA VAL B 34 41.55 -43.23 2.72
C VAL B 34 40.40 -44.05 3.30
N LEU B 35 39.54 -44.64 2.47
CA LEU B 35 38.39 -45.39 3.01
C LEU B 35 38.78 -46.78 3.46
N VAL B 36 39.46 -46.82 4.59
CA VAL B 36 40.01 -48.05 5.14
C VAL B 36 39.61 -48.31 6.60
N GLY B 37 39.51 -49.59 6.94
CA GLY B 37 39.18 -50.00 8.30
C GLY B 37 38.00 -49.28 8.92
N GLU B 38 38.18 -48.80 10.14
CA GLU B 38 37.11 -48.10 10.84
C GLU B 38 36.59 -46.89 10.06
N VAL B 39 37.44 -46.27 9.25
CA VAL B 39 36.98 -45.12 8.48
C VAL B 39 35.88 -45.57 7.53
N ALA B 40 36.10 -46.69 6.86
CA ALA B 40 35.10 -47.24 5.95
C ALA B 40 33.85 -47.62 6.74
N ASP B 41 34.04 -48.38 7.81
CA ASP B 41 32.94 -48.83 8.66
C ASP B 41 32.07 -47.67 9.10
N GLY B 42 32.71 -46.58 9.50
CA GLY B 42 31.99 -45.41 9.94
C GLY B 42 31.28 -44.71 8.78
N LEU B 43 31.84 -44.77 7.59
CA LEU B 43 31.20 -44.15 6.43
C LEU B 43 29.87 -44.89 6.17
N LYS B 44 29.93 -46.22 6.17
CA LYS B 44 28.75 -47.06 5.93
C LYS B 44 27.63 -46.66 6.89
N ASP B 45 27.98 -46.49 8.16
CA ASP B 45 26.98 -46.11 9.13
C ASP B 45 26.39 -44.74 8.78
N ILE B 46 27.25 -43.82 8.34
CA ILE B 46 26.79 -42.49 8.01
C ILE B 46 25.90 -42.46 6.76
N LEU B 47 26.28 -43.21 5.74
CA LEU B 47 25.50 -43.25 4.52
C LEU B 47 24.12 -43.89 4.78
N ARG B 48 24.06 -44.91 5.63
CA ARG B 48 22.77 -45.54 5.93
C ARG B 48 21.88 -44.57 6.69
N ASP B 49 22.47 -43.82 7.60
CA ASP B 49 21.68 -42.88 8.36
C ASP B 49 21.08 -41.80 7.46
N ILE B 50 21.87 -41.27 6.54
CA ILE B 50 21.39 -40.23 5.63
C ILE B 50 20.36 -40.83 4.66
N ALA B 51 20.60 -42.06 4.21
CA ALA B 51 19.64 -42.69 3.31
C ALA B 51 18.30 -42.85 4.03
N ALA B 52 18.35 -43.32 5.27
CA ALA B 52 17.12 -43.52 6.04
C ALA B 52 16.37 -42.21 6.27
N GLN B 53 17.09 -41.16 6.65
CA GLN B 53 16.48 -39.85 6.89
C GLN B 53 15.81 -39.28 5.64
N ASN B 54 16.25 -39.72 4.48
CA ASN B 54 15.70 -39.22 3.24
C ASN B 54 14.73 -40.17 2.57
N GLY B 55 14.33 -41.23 3.29
CA GLY B 55 13.40 -42.17 2.72
C GLY B 55 13.95 -42.86 1.47
N LEU B 56 15.24 -43.17 1.49
CA LEU B 56 15.92 -43.81 0.37
C LEU B 56 16.29 -45.23 0.75
N GLU B 57 16.03 -46.19 -0.14
CA GLU B 57 16.38 -47.57 0.13
C GLU B 57 17.73 -47.89 -0.49
N VAL B 58 18.61 -48.43 0.34
CA VAL B 58 19.94 -48.81 -0.08
C VAL B 58 19.91 -50.29 -0.37
N ILE B 59 19.85 -50.66 -1.64
CA ILE B 59 19.83 -52.08 -1.99
C ILE B 59 21.19 -52.66 -1.64
N THR B 60 22.25 -52.02 -2.11
CA THR B 60 23.61 -52.47 -1.89
C THR B 60 24.58 -51.32 -1.61
N MET B 61 25.55 -51.59 -0.75
CA MET B 61 26.57 -50.61 -0.39
C MET B 61 27.97 -51.20 -0.31
N GLU B 62 28.88 -50.70 -1.14
CA GLU B 62 30.26 -51.17 -1.12
C GLU B 62 31.21 -49.99 -1.03
N VAL B 63 32.12 -50.07 -0.06
CA VAL B 63 33.11 -49.01 0.17
C VAL B 63 34.50 -49.49 -0.13
N MET B 64 35.08 -49.01 -1.22
CA MET B 64 36.45 -49.34 -1.57
C MET B 64 37.32 -48.20 -1.00
N PRO B 65 38.63 -48.40 -0.86
CA PRO B 65 39.43 -47.29 -0.29
C PRO B 65 39.36 -45.95 -0.99
N ASP B 66 39.13 -45.95 -2.30
CA ASP B 66 39.04 -44.69 -3.03
C ASP B 66 37.68 -44.35 -3.63
N HIS B 67 36.70 -45.23 -3.51
CA HIS B 67 35.36 -44.92 -4.03
C HIS B 67 34.24 -45.67 -3.33
N VAL B 68 33.00 -45.31 -3.68
CA VAL B 68 31.82 -45.93 -3.10
C VAL B 68 30.84 -46.35 -4.20
N HIS B 69 30.18 -47.48 -4.02
CA HIS B 69 29.17 -47.94 -4.99
C HIS B 69 27.88 -48.07 -4.20
N LEU B 70 26.81 -47.45 -4.68
CA LEU B 70 25.53 -47.60 -4.03
C LEU B 70 24.50 -48.02 -5.05
N LEU B 71 23.62 -48.93 -4.64
CA LEU B 71 22.54 -49.36 -5.50
C LEU B 71 21.32 -48.93 -4.69
N LEU B 72 20.46 -48.11 -5.27
CA LEU B 72 19.33 -47.63 -4.48
C LEU B 72 18.03 -47.76 -5.21
N SER B 73 16.96 -47.58 -4.45
CA SER B 73 15.63 -47.61 -4.98
C SER B 73 14.98 -46.35 -4.41
N ALA B 74 14.24 -45.64 -5.24
CA ALA B 74 13.60 -44.41 -4.82
C ALA B 74 12.22 -44.21 -5.41
N THR B 75 11.57 -43.14 -4.96
CA THR B 75 10.26 -42.78 -5.45
C THR B 75 10.53 -41.78 -6.58
N PRO B 76 9.49 -41.48 -7.38
CA PRO B 76 9.62 -40.54 -8.49
C PRO B 76 9.96 -39.12 -8.03
N GLN B 77 9.56 -38.76 -6.82
CA GLN B 77 9.81 -37.43 -6.33
C GLN B 77 11.22 -37.22 -5.78
N GLN B 78 12.07 -38.24 -5.83
CA GLN B 78 13.42 -38.07 -5.32
C GLN B 78 14.40 -37.80 -6.47
N ALA B 79 14.64 -36.52 -6.73
CA ALA B 79 15.52 -36.10 -7.82
C ALA B 79 16.99 -36.42 -7.55
N ILE B 80 17.69 -36.91 -8.58
CA ILE B 80 19.10 -37.29 -8.45
C ILE B 80 20.03 -36.23 -7.81
N PRO B 81 19.92 -34.96 -8.21
CA PRO B 81 20.82 -33.98 -7.59
C PRO B 81 20.59 -33.80 -6.10
N ASP B 82 19.33 -33.89 -5.67
CA ASP B 82 18.99 -33.74 -4.27
C ASP B 82 19.50 -34.90 -3.43
N PHE B 83 19.36 -36.14 -3.89
CA PHE B 83 19.87 -37.22 -3.07
C PHE B 83 21.41 -37.38 -3.10
N VAL B 84 22.04 -37.03 -4.21
CA VAL B 84 23.49 -37.13 -4.30
C VAL B 84 24.09 -36.06 -3.37
N LYS B 85 23.54 -34.85 -3.42
CA LYS B 85 24.02 -33.76 -2.56
C LYS B 85 23.87 -34.20 -1.09
N ALA B 86 22.75 -34.81 -0.74
CA ALA B 86 22.53 -35.26 0.62
C ALA B 86 23.60 -36.27 1.05
N LEU B 87 23.74 -37.35 0.30
CA LEU B 87 24.67 -38.40 0.62
C LEU B 87 26.12 -37.93 0.64
N LYS B 88 26.53 -37.15 -0.36
CA LYS B 88 27.89 -36.68 -0.41
C LYS B 88 28.19 -35.49 0.51
N GLY B 89 27.36 -34.45 0.46
CA GLY B 89 27.54 -33.28 1.29
C GLY B 89 27.53 -33.61 2.78
N ALA B 90 26.47 -34.29 3.24
CA ALA B 90 26.39 -34.62 4.65
C ALA B 90 27.37 -35.70 5.10
N SER B 91 27.77 -36.61 4.21
CA SER B 91 28.73 -37.62 4.61
C SER B 91 30.09 -36.97 4.76
N ALA B 92 30.42 -36.02 3.90
CA ALA B 92 31.72 -35.36 3.98
C ALA B 92 31.82 -34.60 5.30
N ARG B 93 30.80 -33.81 5.61
CA ARG B 93 30.78 -33.05 6.85
C ARG B 93 30.97 -33.97 8.05
N ARG B 94 30.15 -35.02 8.11
CA ARG B 94 30.25 -35.94 9.23
C ARG B 94 31.53 -36.73 9.30
N MET B 95 32.08 -37.10 8.16
CA MET B 95 33.30 -37.87 8.19
C MET B 95 34.49 -37.08 8.71
N PHE B 96 34.55 -35.78 8.38
CA PHE B 96 35.65 -34.96 8.84
C PHE B 96 35.54 -34.72 10.35
N VAL B 97 34.30 -34.55 10.83
CA VAL B 97 34.07 -34.35 12.24
C VAL B 97 34.43 -35.61 13.01
N ALA B 98 34.04 -36.78 12.48
CA ALA B 98 34.30 -38.04 13.17
C ALA B 98 35.68 -38.60 13.01
N TYR B 99 36.28 -38.38 11.85
CA TYR B 99 37.63 -38.89 11.57
C TYR B 99 38.56 -37.76 11.09
N PRO B 100 38.88 -36.80 11.99
CA PRO B 100 39.75 -35.65 11.73
C PRO B 100 41.08 -36.03 11.06
N GLN B 101 41.53 -37.25 11.29
CA GLN B 101 42.76 -37.73 10.68
C GLN B 101 42.67 -37.65 9.15
N LEU B 102 41.44 -37.66 8.60
CA LEU B 102 41.24 -37.54 7.15
C LEU B 102 41.90 -36.26 6.64
N LYS B 103 41.90 -35.23 7.48
CA LYS B 103 42.49 -33.95 7.12
C LYS B 103 44.00 -33.99 6.81
N GLU B 104 44.67 -35.06 7.22
CA GLU B 104 46.09 -35.22 6.97
C GLU B 104 46.35 -35.41 5.48
N LYS B 105 45.38 -35.98 4.78
CA LYS B 105 45.54 -36.18 3.34
C LYS B 105 44.59 -35.26 2.58
N LEU B 106 43.58 -34.75 3.27
CA LEU B 106 42.55 -33.92 2.68
C LEU B 106 42.33 -32.67 3.52
N TRP B 107 43.24 -31.71 3.32
CA TRP B 107 43.22 -30.46 4.08
C TRP B 107 42.63 -29.29 3.28
N GLY B 108 42.07 -29.60 2.12
CA GLY B 108 41.51 -28.56 1.29
C GLY B 108 40.03 -28.32 1.46
N GLY B 109 39.37 -29.07 2.34
CA GLY B 109 37.95 -28.87 2.57
C GLY B 109 37.01 -29.76 1.74
N ASN B 110 37.56 -30.78 1.11
CA ASN B 110 36.76 -31.72 0.30
C ASN B 110 37.19 -33.13 0.59
N LEU B 111 36.21 -33.98 0.91
CA LEU B 111 36.48 -35.39 1.10
C LEU B 111 36.24 -36.04 -0.28
N TRP B 112 35.20 -35.60 -1.01
CA TRP B 112 34.88 -36.23 -2.29
C TRP B 112 35.27 -35.54 -3.58
N ASN B 113 35.47 -36.37 -4.59
CA ASN B 113 35.70 -35.87 -5.94
C ASN B 113 34.36 -35.11 -6.25
N PRO B 114 34.40 -33.93 -6.89
CA PRO B 114 33.17 -33.17 -7.19
C PRO B 114 32.19 -33.78 -8.22
N SER B 115 32.53 -34.90 -8.80
CA SER B 115 31.63 -35.54 -9.76
C SER B 115 30.98 -36.79 -9.19
N TYR B 116 29.85 -37.19 -9.78
CA TYR B 116 29.18 -38.45 -9.44
C TYR B 116 28.84 -39.16 -10.75
N CYS B 117 28.78 -40.49 -10.71
CA CYS B 117 28.40 -41.26 -11.88
C CYS B 117 27.08 -41.94 -11.49
N ILE B 118 26.05 -41.77 -12.32
CA ILE B 118 24.75 -42.37 -12.01
C ILE B 118 24.15 -43.07 -13.22
N LEU B 119 23.64 -44.27 -12.97
CA LEU B 119 23.02 -45.11 -14.03
C LEU B 119 21.67 -45.67 -13.57
N THR B 120 20.68 -45.66 -14.45
CA THR B 120 19.38 -46.24 -14.12
C THR B 120 19.61 -47.77 -14.14
N VAL B 121 18.80 -48.52 -13.41
CA VAL B 121 18.94 -49.97 -13.37
C VAL B 121 17.57 -50.63 -13.48
N SER B 122 17.45 -51.67 -14.30
CA SER B 122 16.16 -52.36 -14.42
C SER B 122 16.01 -53.39 -13.32
N GLU B 123 14.96 -53.27 -12.52
CA GLU B 123 14.69 -54.25 -11.48
C GLU B 123 14.07 -55.49 -12.15
N ASN B 124 13.35 -55.25 -13.23
CA ASN B 124 12.68 -56.29 -13.98
C ASN B 124 13.45 -56.76 -15.21
N THR B 125 13.25 -58.03 -15.53
CA THR B 125 13.88 -58.73 -16.64
C THR B 125 13.46 -58.14 -17.99
N ARG B 126 14.28 -58.34 -19.01
CA ARG B 126 13.94 -57.86 -20.34
C ARG B 126 12.71 -58.67 -20.80
N ALA B 127 12.61 -59.93 -20.35
CA ALA B 127 11.45 -60.75 -20.67
C ALA B 127 10.21 -60.09 -20.06
N GLN B 128 10.31 -59.75 -18.77
CA GLN B 128 9.22 -59.10 -18.05
C GLN B 128 8.75 -57.80 -18.71
N ILE B 129 9.66 -56.94 -19.12
CA ILE B 129 9.25 -55.68 -19.76
C ILE B 129 8.74 -55.95 -21.18
N GLN B 130 9.38 -56.89 -21.86
CA GLN B 130 8.98 -57.28 -23.22
C GLN B 130 7.51 -57.73 -23.22
N LYS B 131 7.16 -58.51 -22.21
CA LYS B 131 5.82 -59.03 -22.06
C LYS B 131 4.75 -58.02 -21.64
N TYR B 132 4.92 -57.43 -20.47
CA TYR B 132 3.92 -56.49 -19.96
C TYR B 132 3.80 -55.10 -20.57
N ILE B 133 4.77 -54.71 -21.40
CA ILE B 133 4.74 -53.42 -22.09
C ILE B 133 4.21 -53.68 -23.53
N GLU B 134 3.68 -54.87 -23.72
CA GLU B 134 3.09 -55.32 -24.99
C GLU B 134 2.18 -56.52 -24.75
N PRO C 7 15.68 -11.07 -7.90
CA PRO C 7 15.68 -9.66 -7.49
C PRO C 7 14.27 -9.05 -7.38
N LEU C 8 14.03 -8.32 -6.30
CA LEU C 8 12.72 -7.68 -6.06
C LEU C 8 12.51 -6.47 -6.96
N GLU C 9 11.29 -6.34 -7.48
CA GLU C 9 10.94 -5.19 -8.30
C GLU C 9 10.76 -4.10 -7.24
N MET C 10 11.42 -2.96 -7.40
CA MET C 10 11.33 -1.92 -6.38
C MET C 10 11.39 -0.51 -6.94
N LYS C 11 10.49 0.35 -6.53
CA LYS C 11 10.56 1.72 -7.00
C LYS C 11 11.32 2.54 -5.95
N LYS C 12 11.99 3.60 -6.40
CA LYS C 12 12.75 4.44 -5.49
C LYS C 12 12.19 5.87 -5.46
N GLY C 13 12.10 6.43 -4.26
CA GLY C 13 11.63 7.80 -4.07
C GLY C 13 12.65 8.56 -3.24
N ARG C 14 12.33 9.76 -2.78
CA ARG C 14 13.29 10.55 -1.99
C ARG C 14 13.81 9.89 -0.71
N GLY C 15 12.93 9.40 0.15
CA GLY C 15 13.42 8.77 1.38
C GLY C 15 12.86 7.39 1.61
N TYR C 16 12.66 6.65 0.53
CA TYR C 16 12.06 5.34 0.65
C TYR C 16 12.17 4.50 -0.63
N VAL C 17 12.20 3.18 -0.47
CA VAL C 17 12.22 2.29 -1.62
C VAL C 17 10.96 1.49 -1.35
N TYR C 18 10.18 1.21 -2.38
CA TYR C 18 8.92 0.54 -2.15
C TYR C 18 8.35 -0.17 -3.35
N GLN C 19 7.30 -0.92 -3.08
CA GLN C 19 6.56 -1.65 -4.09
C GLN C 19 5.20 -1.79 -3.41
N LEU C 20 4.26 -0.94 -3.80
CA LEU C 20 2.93 -0.95 -3.18
C LEU C 20 1.76 -1.21 -4.15
N GLU C 21 1.06 -2.33 -3.98
CA GLU C 21 -0.05 -2.68 -4.86
C GLU C 21 -1.30 -3.01 -4.06
N TYR C 22 -2.45 -2.59 -4.56
CA TYR C 22 -3.70 -2.84 -3.88
C TYR C 22 -4.74 -3.32 -4.83
N HIS C 23 -5.63 -4.16 -4.34
CA HIS C 23 -6.74 -4.65 -5.13
C HIS C 23 -7.85 -3.84 -4.48
N LEU C 24 -8.51 -3.00 -5.25
CA LEU C 24 -9.58 -2.13 -4.75
C LEU C 24 -10.86 -2.57 -5.44
N ILE C 25 -11.97 -2.60 -4.72
CA ILE C 25 -13.26 -3.03 -5.27
C ILE C 25 -14.41 -2.26 -4.61
N TRP C 26 -15.42 -1.91 -5.39
CA TRP C 26 -16.59 -1.23 -4.87
C TRP C 26 -17.78 -1.52 -5.76
N CYS C 27 -18.98 -1.23 -5.30
CA CYS C 27 -20.17 -1.56 -6.06
C CYS C 27 -21.07 -0.40 -6.33
N VAL C 28 -21.99 -0.63 -7.26
CA VAL C 28 -22.98 0.36 -7.60
C VAL C 28 -23.97 0.33 -6.42
N LYS C 29 -24.46 1.51 -6.06
CA LYS C 29 -25.41 1.66 -5.00
C LYS C 29 -26.65 0.79 -5.31
N TYR C 30 -27.11 0.03 -4.33
CA TYR C 30 -28.27 -0.89 -4.47
C TYR C 30 -27.92 -2.09 -5.34
N ARG C 31 -26.67 -2.19 -5.74
CA ARG C 31 -26.20 -3.24 -6.62
C ARG C 31 -26.89 -3.25 -8.00
N HIS C 32 -27.33 -2.07 -8.44
CA HIS C 32 -27.97 -1.93 -9.76
C HIS C 32 -26.92 -2.29 -10.84
N GLN C 33 -27.35 -3.00 -11.87
CA GLN C 33 -26.46 -3.42 -12.95
C GLN C 33 -26.48 -2.39 -14.09
N VAL C 34 -25.98 -1.20 -13.80
CA VAL C 34 -25.97 -0.09 -14.75
C VAL C 34 -24.68 0.15 -15.52
N LEU C 35 -23.57 -0.43 -15.07
CA LEU C 35 -22.28 -0.23 -15.73
C LEU C 35 -22.14 -1.14 -16.94
N VAL C 36 -22.87 -0.80 -18.01
CA VAL C 36 -22.85 -1.55 -19.26
C VAL C 36 -22.79 -0.66 -20.48
N GLY C 37 -22.16 -1.20 -21.53
CA GLY C 37 -22.07 -0.51 -22.80
C GLY C 37 -21.22 0.76 -22.75
N GLU C 38 -21.79 1.86 -23.24
CA GLU C 38 -21.06 3.11 -23.26
C GLU C 38 -20.85 3.67 -21.84
N VAL C 39 -21.70 3.29 -20.89
CA VAL C 39 -21.51 3.79 -19.53
C VAL C 39 -20.26 3.15 -18.92
N ALA C 40 -20.05 1.87 -19.20
CA ALA C 40 -18.87 1.17 -18.70
C ALA C 40 -17.64 1.72 -19.42
N ASP C 41 -17.77 1.98 -20.72
CA ASP C 41 -16.62 2.49 -21.47
C ASP C 41 -16.19 3.85 -20.94
N GLY C 42 -17.17 4.72 -20.70
CA GLY C 42 -16.89 6.03 -20.17
C GLY C 42 -16.17 5.92 -18.83
N LEU C 43 -16.75 5.12 -17.92
CA LEU C 43 -16.18 4.93 -16.59
C LEU C 43 -14.71 4.54 -16.67
N LYS C 44 -14.32 3.79 -17.68
CA LYS C 44 -12.92 3.42 -17.82
C LYS C 44 -12.07 4.66 -18.07
N ASP C 45 -12.56 5.57 -18.92
CA ASP C 45 -11.82 6.80 -19.22
C ASP C 45 -11.71 7.63 -17.94
N ILE C 46 -12.85 7.87 -17.32
CA ILE C 46 -12.93 8.67 -16.10
C ILE C 46 -12.00 8.16 -14.98
N LEU C 47 -12.02 6.85 -14.75
CA LEU C 47 -11.17 6.26 -13.73
C LEU C 47 -9.68 6.37 -14.07
N ARG C 48 -9.32 6.21 -15.34
CA ARG C 48 -7.90 6.34 -15.70
C ARG C 48 -7.44 7.79 -15.53
N ASP C 49 -8.28 8.75 -15.92
CA ASP C 49 -7.93 10.16 -15.79
C ASP C 49 -7.71 10.54 -14.32
N ILE C 50 -8.65 10.14 -13.45
CA ILE C 50 -8.51 10.42 -12.02
C ILE C 50 -7.25 9.76 -11.48
N ALA C 51 -7.02 8.52 -11.87
CA ALA C 51 -5.84 7.80 -11.41
C ALA C 51 -4.53 8.55 -11.76
N ALA C 52 -4.39 8.96 -13.01
CA ALA C 52 -3.20 9.67 -13.43
C ALA C 52 -3.09 11.02 -12.71
N GLN C 53 -4.24 11.67 -12.50
CA GLN C 53 -4.26 12.97 -11.84
C GLN C 53 -3.76 12.82 -10.42
N ASN C 54 -3.95 11.64 -9.84
CA ASN C 54 -3.55 11.37 -8.48
C ASN C 54 -2.24 10.62 -8.34
N GLY C 55 -1.56 10.40 -9.44
CA GLY C 55 -0.28 9.69 -9.40
C GLY C 55 -0.32 8.19 -9.19
N LEU C 56 -1.48 7.60 -9.49
CA LEU C 56 -1.70 6.18 -9.33
C LEU C 56 -1.52 5.44 -10.63
N GLU C 57 -0.92 4.27 -10.57
CA GLU C 57 -0.73 3.46 -11.75
C GLU C 57 -1.81 2.39 -11.73
N VAL C 58 -2.59 2.31 -12.80
CA VAL C 58 -3.64 1.30 -12.88
C VAL C 58 -3.08 0.06 -13.56
N ILE C 59 -2.69 -0.95 -12.79
CA ILE C 59 -2.15 -2.18 -13.40
C ILE C 59 -3.27 -2.92 -14.14
N THR C 60 -4.43 -3.03 -13.49
CA THR C 60 -5.59 -3.69 -14.08
C THR C 60 -6.87 -2.96 -13.71
N MET C 61 -7.83 -2.99 -14.62
CA MET C 61 -9.13 -2.40 -14.42
C MET C 61 -10.16 -3.28 -15.11
N GLU C 62 -11.24 -3.60 -14.42
CA GLU C 62 -12.29 -4.40 -15.01
C GLU C 62 -13.61 -3.91 -14.46
N VAL C 63 -14.51 -3.56 -15.37
CA VAL C 63 -15.81 -3.05 -15.00
C VAL C 63 -16.88 -4.07 -15.31
N MET C 64 -17.58 -4.51 -14.27
CA MET C 64 -18.69 -5.44 -14.39
C MET C 64 -19.91 -4.56 -14.17
N PRO C 65 -21.11 -5.01 -14.58
CA PRO C 65 -22.33 -4.23 -14.43
C PRO C 65 -22.63 -3.60 -13.05
N ASP C 66 -22.32 -4.32 -11.98
CA ASP C 66 -22.59 -3.74 -10.67
C ASP C 66 -21.39 -3.49 -9.77
N HIS C 67 -20.18 -3.65 -10.30
CA HIS C 67 -18.99 -3.43 -9.49
C HIS C 67 -17.72 -3.26 -10.32
N VAL C 68 -16.72 -2.65 -9.69
CA VAL C 68 -15.46 -2.35 -10.33
C VAL C 68 -14.32 -3.01 -9.57
N HIS C 69 -13.33 -3.51 -10.30
CA HIS C 69 -12.17 -4.17 -9.72
C HIS C 69 -10.95 -3.42 -10.23
N LEU C 70 -10.10 -2.94 -9.34
CA LEU C 70 -8.88 -2.24 -9.75
C LEU C 70 -7.70 -2.87 -9.08
N LEU C 71 -6.57 -2.88 -9.77
CA LEU C 71 -5.34 -3.40 -9.20
C LEU C 71 -4.45 -2.18 -9.42
N LEU C 72 -4.04 -1.56 -8.32
CA LEU C 72 -3.26 -0.33 -8.37
C LEU C 72 -1.85 -0.45 -7.81
N SER C 73 -0.99 0.42 -8.28
CA SER C 73 0.39 0.50 -7.81
C SER C 73 0.48 1.96 -7.33
N ALA C 74 1.01 2.19 -6.14
CA ALA C 74 1.08 3.54 -5.58
C ALA C 74 2.39 3.82 -4.85
N THR C 75 2.53 5.04 -4.34
CA THR C 75 3.71 5.44 -3.58
C THR C 75 3.28 5.43 -2.12
N PRO C 76 4.24 5.54 -1.19
CA PRO C 76 3.91 5.53 0.23
C PRO C 76 3.10 6.72 0.65
N GLN C 77 3.14 7.78 -0.14
CA GLN C 77 2.41 8.99 0.23
C GLN C 77 0.96 9.00 -0.15
N GLN C 78 0.55 8.06 -0.97
CA GLN C 78 -0.84 8.04 -1.36
C GLN C 78 -1.62 7.23 -0.36
N ALA C 79 -2.40 7.92 0.47
CA ALA C 79 -3.21 7.26 1.50
C ALA C 79 -4.49 6.69 0.92
N ILE C 80 -4.87 5.51 1.41
CA ILE C 80 -6.06 4.81 0.94
C ILE C 80 -7.39 5.59 0.94
N PRO C 81 -7.78 6.19 2.09
CA PRO C 81 -9.06 6.92 2.09
C PRO C 81 -9.01 8.07 1.09
N ASP C 82 -7.82 8.65 0.86
CA ASP C 82 -7.69 9.73 -0.10
C ASP C 82 -7.92 9.33 -1.55
N PHE C 83 -7.22 8.30 -2.03
CA PHE C 83 -7.42 7.93 -3.43
C PHE C 83 -8.75 7.22 -3.74
N VAL C 84 -9.31 6.53 -2.75
CA VAL C 84 -10.59 5.86 -2.94
C VAL C 84 -11.62 6.97 -3.07
N LYS C 85 -11.45 8.03 -2.29
CA LYS C 85 -12.37 9.16 -2.35
C LYS C 85 -12.29 9.78 -3.73
N ALA C 86 -11.07 9.97 -4.21
CA ALA C 86 -10.88 10.54 -5.53
C ALA C 86 -11.54 9.65 -6.57
N LEU C 87 -11.12 8.38 -6.63
CA LEU C 87 -11.65 7.44 -7.61
C LEU C 87 -13.18 7.34 -7.63
N LYS C 88 -13.80 7.20 -6.47
CA LYS C 88 -15.24 7.07 -6.42
C LYS C 88 -16.02 8.38 -6.44
N GLY C 89 -15.59 9.35 -5.65
CA GLY C 89 -16.29 10.61 -5.59
C GLY C 89 -16.30 11.34 -6.91
N ALA C 90 -15.13 11.50 -7.51
CA ALA C 90 -15.00 12.19 -8.78
C ALA C 90 -15.65 11.42 -9.92
N SER C 91 -15.53 10.09 -9.92
CA SER C 91 -16.15 9.32 -10.99
C SER C 91 -17.67 9.39 -10.90
N ALA C 92 -18.21 9.44 -9.69
CA ALA C 92 -19.66 9.54 -9.54
C ALA C 92 -20.11 10.86 -10.16
N ARG C 93 -19.44 11.94 -9.80
CA ARG C 93 -19.75 13.28 -10.30
C ARG C 93 -19.76 13.32 -11.82
N ARG C 94 -18.70 12.81 -12.43
CA ARG C 94 -18.58 12.82 -13.87
C ARG C 94 -19.58 11.92 -14.59
N MET C 95 -19.74 10.69 -14.09
CA MET C 95 -20.66 9.73 -14.68
C MET C 95 -22.08 10.29 -14.74
N PHE C 96 -22.52 10.95 -13.68
CA PHE C 96 -23.87 11.50 -13.68
C PHE C 96 -24.01 12.62 -14.71
N VAL C 97 -22.95 13.39 -14.92
CA VAL C 97 -22.97 14.46 -15.92
C VAL C 97 -23.00 13.88 -17.32
N ALA C 98 -22.03 13.00 -17.60
CA ALA C 98 -21.93 12.35 -18.89
C ALA C 98 -23.09 11.39 -19.24
N TYR C 99 -23.73 10.79 -18.24
CA TYR C 99 -24.82 9.86 -18.51
C TYR C 99 -26.06 10.16 -17.67
N PRO C 100 -26.77 11.22 -18.03
CA PRO C 100 -27.98 11.62 -17.30
C PRO C 100 -28.97 10.47 -17.14
N GLN C 101 -28.92 9.48 -18.03
CA GLN C 101 -29.82 8.33 -17.94
C GLN C 101 -29.65 7.50 -16.65
N LEU C 102 -28.54 7.69 -15.93
CA LEU C 102 -28.30 6.96 -14.68
C LEU C 102 -29.26 7.41 -13.59
N LYS C 103 -29.69 8.67 -13.66
CA LYS C 103 -30.63 9.17 -12.67
C LYS C 103 -31.97 8.43 -12.68
N GLU C 104 -32.23 7.64 -13.70
CA GLU C 104 -33.48 6.89 -13.78
C GLU C 104 -33.55 5.78 -12.74
N LYS C 105 -32.43 5.10 -12.53
CA LYS C 105 -32.36 4.03 -11.56
C LYS C 105 -31.71 4.49 -10.24
N LEU C 106 -30.92 5.56 -10.31
CA LEU C 106 -30.20 6.12 -9.16
C LEU C 106 -30.50 7.60 -9.02
N TRP C 107 -31.61 7.93 -8.39
CA TRP C 107 -32.00 9.33 -8.21
C TRP C 107 -31.70 9.83 -6.80
N GLY C 108 -31.07 8.99 -5.99
CA GLY C 108 -30.79 9.37 -4.62
C GLY C 108 -29.57 10.24 -4.35
N GLY C 109 -28.78 10.54 -5.39
CA GLY C 109 -27.59 11.32 -5.16
C GLY C 109 -26.35 10.44 -5.03
N ASN C 110 -26.47 9.13 -5.27
CA ASN C 110 -25.32 8.26 -5.16
C ASN C 110 -25.25 7.32 -6.36
N LEU C 111 -24.05 7.08 -6.85
CA LEU C 111 -23.84 6.14 -7.93
C LEU C 111 -23.20 4.89 -7.29
N TRP C 112 -22.47 5.12 -6.21
CA TRP C 112 -21.76 4.04 -5.54
C TRP C 112 -22.22 3.63 -4.16
N ASN C 113 -21.91 2.38 -3.85
CA ASN C 113 -22.17 1.78 -2.54
C ASN C 113 -21.18 2.60 -1.68
N PRO C 114 -21.57 2.99 -0.46
CA PRO C 114 -20.70 3.77 0.42
C PRO C 114 -19.48 3.07 1.03
N SER C 115 -19.26 1.81 0.69
CA SER C 115 -18.11 1.07 1.20
C SER C 115 -17.16 0.67 0.07
N TYR C 116 -15.94 0.29 0.42
CA TYR C 116 -14.95 -0.19 -0.53
C TYR C 116 -14.25 -1.35 0.15
N CYS C 117 -13.68 -2.23 -0.66
CA CYS C 117 -12.98 -3.37 -0.16
C CYS C 117 -11.59 -3.18 -0.71
N ILE C 118 -10.56 -3.36 0.14
CA ILE C 118 -9.21 -3.17 -0.32
C ILE C 118 -8.22 -4.20 0.27
N LEU C 119 -7.36 -4.74 -0.59
CA LEU C 119 -6.41 -5.76 -0.17
C LEU C 119 -5.00 -5.46 -0.65
N THR C 120 -4.01 -5.53 0.24
CA THR C 120 -2.64 -5.32 -0.19
C THR C 120 -2.26 -6.49 -1.13
N VAL C 121 -1.30 -6.29 -2.00
CA VAL C 121 -0.88 -7.32 -2.97
C VAL C 121 0.63 -7.43 -3.16
N SER C 122 1.13 -8.66 -3.09
CA SER C 122 2.54 -8.94 -3.29
C SER C 122 2.90 -8.95 -4.80
N GLU C 123 3.73 -8.01 -5.20
CA GLU C 123 4.19 -7.96 -6.59
C GLU C 123 5.19 -9.11 -6.82
N ASN C 124 6.05 -9.35 -5.84
CA ASN C 124 7.06 -10.40 -5.92
C ASN C 124 6.65 -11.70 -5.20
N THR C 125 7.39 -12.77 -5.44
CA THR C 125 7.10 -14.06 -4.83
C THR C 125 7.69 -14.15 -3.42
N ARG C 126 7.13 -15.05 -2.62
CA ARG C 126 7.58 -15.28 -1.25
C ARG C 126 9.08 -15.62 -1.26
N ALA C 127 9.49 -16.31 -2.31
CA ALA C 127 10.88 -16.70 -2.48
C ALA C 127 11.79 -15.50 -2.71
N GLN C 128 11.35 -14.57 -3.56
CA GLN C 128 12.14 -13.37 -3.84
C GLN C 128 12.32 -12.55 -2.57
N ILE C 129 11.25 -12.49 -1.80
CA ILE C 129 11.22 -11.74 -0.56
C ILE C 129 12.18 -12.32 0.48
N GLN C 130 12.14 -13.63 0.71
CA GLN C 130 13.07 -14.23 1.66
C GLN C 130 14.52 -14.00 1.23
N LYS C 131 14.78 -14.02 -0.06
CA LYS C 131 16.12 -13.80 -0.58
C LYS C 131 16.57 -12.39 -0.16
N TYR C 132 15.78 -11.37 -0.54
CA TYR C 132 16.06 -9.98 -0.20
C TYR C 132 16.14 -9.76 1.31
N ILE C 133 15.22 -10.38 2.05
CA ILE C 133 15.15 -10.26 3.50
C ILE C 133 16.20 -11.09 4.28
N GLU C 134 16.90 -11.97 3.57
CA GLU C 134 17.95 -12.79 4.17
C GLU C 134 19.28 -12.51 3.47
N GLU D 9 -10.46 -14.04 8.21
CA GLU D 9 -9.52 -13.49 7.25
C GLU D 9 -9.73 -11.97 7.04
N MET D 10 -10.83 -11.57 6.39
CA MET D 10 -11.13 -10.16 6.13
C MET D 10 -11.69 -9.35 7.26
N LYS D 11 -11.05 -8.25 7.59
CA LYS D 11 -11.52 -7.40 8.67
C LYS D 11 -12.55 -6.41 8.13
N LYS D 12 -13.33 -5.81 9.03
CA LYS D 12 -14.34 -4.84 8.62
C LYS D 12 -14.33 -3.63 9.51
N GLY D 13 -14.66 -2.46 8.95
CA GLY D 13 -14.76 -1.22 9.72
C GLY D 13 -16.10 -0.61 9.31
N ARG D 14 -16.42 0.61 9.71
CA ARG D 14 -17.73 1.14 9.31
C ARG D 14 -18.04 1.28 7.80
N GLY D 15 -17.04 1.59 6.99
CA GLY D 15 -17.33 1.76 5.58
C GLY D 15 -16.33 1.08 4.67
N TYR D 16 -15.78 -0.03 5.14
CA TYR D 16 -14.79 -0.73 4.34
C TYR D 16 -14.51 -2.12 4.90
N VAL D 17 -14.04 -3.00 4.03
CA VAL D 17 -13.65 -4.35 4.41
C VAL D 17 -12.24 -4.43 3.82
N TYR D 18 -11.30 -4.99 4.55
CA TYR D 18 -9.94 -4.95 4.06
C TYR D 18 -9.06 -6.02 4.65
N GLN D 19 -7.87 -6.13 4.08
CA GLN D 19 -6.83 -7.04 4.54
C GLN D 19 -5.56 -6.31 4.12
N LEU D 20 -4.89 -5.67 5.07
CA LEU D 20 -3.71 -4.90 4.74
C LEU D 20 -2.41 -5.29 5.44
N GLU D 21 -1.45 -5.77 4.67
CA GLU D 21 -0.19 -6.16 5.27
C GLU D 21 0.98 -5.56 4.54
N TYR D 22 2.01 -5.22 5.30
CA TYR D 22 3.18 -4.60 4.74
C TYR D 22 4.44 -5.11 5.42
N HIS D 23 5.49 -5.28 4.64
CA HIS D 23 6.79 -5.66 5.16
C HIS D 23 7.44 -4.27 5.30
N LEU D 24 7.97 -3.96 6.47
CA LEU D 24 8.61 -2.69 6.70
C LEU D 24 10.03 -2.93 7.19
N ILE D 25 11.02 -2.35 6.51
CA ILE D 25 12.41 -2.52 6.94
C ILE D 25 13.12 -1.18 6.97
N TRP D 26 14.04 -1.02 7.91
CA TRP D 26 14.86 0.18 7.97
C TRP D 26 16.19 -0.23 8.62
N CYS D 27 17.25 0.54 8.39
CA CYS D 27 18.55 0.22 8.92
C CYS D 27 19.05 1.26 9.94
N VAL D 28 20.07 0.87 10.71
CA VAL D 28 20.72 1.75 11.68
C VAL D 28 21.54 2.73 10.86
N LYS D 29 21.60 3.99 11.29
CA LYS D 29 22.37 4.99 10.59
C LYS D 29 23.83 4.51 10.39
N TYR D 30 24.41 4.80 9.22
CA TYR D 30 25.78 4.41 8.85
C TYR D 30 25.94 2.90 8.82
N ARG D 31 24.84 2.17 8.97
CA ARG D 31 24.87 0.71 8.98
C ARG D 31 25.68 0.08 10.13
N HIS D 32 25.80 0.79 11.24
CA HIS D 32 26.52 0.29 12.41
C HIS D 32 25.75 -0.91 12.96
N GLN D 33 26.47 -1.97 13.31
CA GLN D 33 25.84 -3.17 13.85
C GLN D 33 25.69 -2.98 15.36
N VAL D 34 24.79 -2.09 15.71
CA VAL D 34 24.57 -1.74 17.08
C VAL D 34 23.44 -2.46 17.83
N LEU D 35 22.47 -3.01 17.08
CA LEU D 35 21.31 -3.70 17.69
C LEU D 35 21.63 -5.12 18.11
N VAL D 36 22.24 -5.23 19.28
CA VAL D 36 22.65 -6.53 19.76
C VAL D 36 22.51 -6.65 21.28
N GLY D 37 22.45 -7.88 21.76
CA GLY D 37 22.32 -8.09 23.20
C GLY D 37 21.12 -7.39 23.82
N GLU D 38 21.33 -6.76 24.97
CA GLU D 38 20.23 -6.07 25.63
C GLU D 38 19.68 -4.92 24.79
N VAL D 39 20.48 -4.34 23.90
CA VAL D 39 19.97 -3.24 23.09
C VAL D 39 18.85 -3.75 22.18
N ALA D 40 19.09 -4.87 21.50
CA ALA D 40 18.06 -5.44 20.63
C ALA D 40 16.82 -5.79 21.45
N ASP D 41 17.00 -6.48 22.58
CA ASP D 41 15.85 -6.87 23.39
C ASP D 41 14.99 -5.67 23.75
N GLY D 42 15.63 -4.57 24.15
CA GLY D 42 14.88 -3.37 24.51
C GLY D 42 14.17 -2.78 23.29
N LEU D 43 14.80 -2.84 22.12
CA LEU D 43 14.20 -2.30 20.91
C LEU D 43 12.87 -2.98 20.67
N LYS D 44 12.86 -4.30 20.76
CA LYS D 44 11.65 -5.07 20.56
C LYS D 44 10.52 -4.61 21.48
N ASP D 45 10.81 -4.46 22.77
CA ASP D 45 9.76 -4.01 23.69
C ASP D 45 9.24 -2.61 23.33
N ILE D 46 10.14 -1.74 22.91
CA ILE D 46 9.79 -0.38 22.54
C ILE D 46 8.92 -0.36 21.27
N LEU D 47 9.26 -1.20 20.29
CA LEU D 47 8.48 -1.26 19.06
C LEU D 47 7.09 -1.83 19.35
N ARG D 48 7.06 -2.97 20.05
CA ARG D 48 5.77 -3.58 20.41
C ARG D 48 4.90 -2.57 21.14
N ASP D 49 5.48 -1.80 22.05
CA ASP D 49 4.74 -0.80 22.79
C ASP D 49 4.19 0.31 21.89
N ILE D 50 5.04 0.82 21.00
CA ILE D 50 4.62 1.86 20.07
C ILE D 50 3.51 1.34 19.16
N ALA D 51 3.66 0.11 18.70
CA ALA D 51 2.65 -0.50 17.85
C ALA D 51 1.33 -0.56 18.60
N ALA D 52 1.39 -1.02 19.85
CA ALA D 52 0.21 -1.10 20.70
C ALA D 52 -0.46 0.28 20.82
N GLN D 53 0.32 1.31 21.15
CA GLN D 53 -0.22 2.66 21.28
C GLN D 53 -0.95 3.12 20.02
N ASN D 54 -0.40 2.80 18.86
CA ASN D 54 -0.99 3.22 17.60
C ASN D 54 -1.97 2.23 16.97
N GLY D 55 -2.25 1.14 17.70
CA GLY D 55 -3.19 0.15 17.20
C GLY D 55 -2.76 -0.58 15.94
N LEU D 56 -1.45 -0.85 15.86
CA LEU D 56 -0.87 -1.55 14.73
C LEU D 56 -0.59 -2.96 15.13
N GLU D 57 -0.94 -3.92 14.27
CA GLU D 57 -0.67 -5.31 14.60
C GLU D 57 0.68 -5.70 14.03
N VAL D 58 1.55 -6.22 14.88
CA VAL D 58 2.87 -6.66 14.46
C VAL D 58 2.82 -8.18 14.31
N ILE D 59 2.78 -8.66 13.08
CA ILE D 59 2.72 -10.09 12.82
C ILE D 59 4.08 -10.75 13.06
N THR D 60 5.11 -10.15 12.52
CA THR D 60 6.47 -10.67 12.63
C THR D 60 7.43 -9.53 12.94
N MET D 61 8.45 -9.81 13.75
CA MET D 61 9.44 -8.81 14.10
C MET D 61 10.81 -9.44 14.23
N GLU D 62 11.79 -8.87 13.55
CA GLU D 62 13.14 -9.38 13.57
C GLU D 62 14.08 -8.21 13.71
N VAL D 63 15.07 -8.37 14.57
CA VAL D 63 16.04 -7.30 14.80
C VAL D 63 17.42 -7.85 14.58
N MET D 64 18.09 -7.36 13.54
CA MET D 64 19.45 -7.79 13.25
C MET D 64 20.33 -6.68 13.83
N PRO D 65 21.64 -6.91 13.91
CA PRO D 65 22.52 -5.89 14.46
C PRO D 65 22.48 -4.55 13.72
N ASP D 66 22.19 -4.57 12.41
CA ASP D 66 22.14 -3.33 11.61
C ASP D 66 20.79 -2.90 11.03
N HIS D 67 19.74 -3.70 11.21
CA HIS D 67 18.46 -3.35 10.63
C HIS D 67 17.28 -4.09 11.27
N VAL D 68 16.09 -3.54 11.06
CA VAL D 68 14.86 -4.10 11.60
C VAL D 68 13.94 -4.54 10.48
N HIS D 69 13.16 -5.56 10.74
CA HIS D 69 12.18 -6.02 9.75
C HIS D 69 10.88 -6.29 10.46
N LEU D 70 9.82 -5.67 9.99
CA LEU D 70 8.53 -5.93 10.59
C LEU D 70 7.56 -6.36 9.51
N LEU D 71 6.56 -7.14 9.91
CA LEU D 71 5.47 -7.54 9.02
C LEU D 71 4.27 -6.99 9.80
N LEU D 72 3.63 -5.97 9.26
CA LEU D 72 2.51 -5.30 9.91
C LEU D 72 1.19 -5.58 9.25
N SER D 73 0.12 -5.35 10.01
CA SER D 73 -1.23 -5.48 9.49
C SER D 73 -1.89 -4.18 9.96
N ALA D 74 -2.52 -3.46 9.05
CA ALA D 74 -3.13 -2.18 9.40
C ALA D 74 -4.51 -1.93 8.82
N THR D 75 -5.16 -0.85 9.27
CA THR D 75 -6.48 -0.44 8.78
C THR D 75 -6.22 0.48 7.62
N PRO D 76 -7.25 0.78 6.81
CA PRO D 76 -7.10 1.66 5.65
C PRO D 76 -6.71 3.08 6.05
N GLN D 77 -7.12 3.49 7.26
CA GLN D 77 -6.85 4.85 7.73
C GLN D 77 -5.45 5.09 8.29
N GLN D 78 -4.65 4.05 8.43
CA GLN D 78 -3.29 4.20 8.96
C GLN D 78 -2.33 4.34 7.79
N ALA D 79 -1.97 5.59 7.48
CA ALA D 79 -1.07 5.85 6.36
C ALA D 79 0.36 5.46 6.67
N ILE D 80 1.08 5.07 5.63
CA ILE D 80 2.46 4.61 5.74
C ILE D 80 3.46 5.60 6.37
N PRO D 81 3.53 6.84 5.85
CA PRO D 81 4.47 7.80 6.44
C PRO D 81 4.19 8.02 7.92
N ASP D 82 2.92 8.01 8.31
CA ASP D 82 2.58 8.24 9.72
C ASP D 82 3.05 7.10 10.64
N PHE D 83 2.75 5.84 10.30
CA PHE D 83 3.19 4.77 11.18
C PHE D 83 4.68 4.50 11.13
N VAL D 84 5.31 4.81 10.00
CA VAL D 84 6.74 4.61 9.93
C VAL D 84 7.38 5.66 10.84
N LYS D 85 6.83 6.88 10.82
CA LYS D 85 7.35 7.94 11.65
C LYS D 85 7.25 7.56 13.13
N ALA D 86 6.08 7.08 13.52
CA ALA D 86 5.83 6.67 14.90
C ALA D 86 6.79 5.59 15.36
N LEU D 87 6.91 4.52 14.59
CA LEU D 87 7.80 3.44 14.95
C LEU D 87 9.30 3.84 14.97
N LYS D 88 9.77 4.57 13.96
CA LYS D 88 11.17 4.95 13.91
C LYS D 88 11.55 6.16 14.77
N GLY D 89 10.76 7.22 14.68
CA GLY D 89 11.05 8.40 15.47
C GLY D 89 10.91 8.18 16.99
N ALA D 90 9.87 7.48 17.41
CA ALA D 90 9.65 7.24 18.84
C ALA D 90 10.64 6.25 19.38
N SER D 91 10.89 5.17 18.64
CA SER D 91 11.88 4.21 19.11
C SER D 91 13.27 4.87 19.22
N ALA D 92 13.64 5.74 18.29
CA ALA D 92 14.96 6.37 18.36
C ALA D 92 15.10 7.20 19.63
N ARG D 93 14.11 8.03 19.89
CA ARG D 93 14.11 8.86 21.07
C ARG D 93 14.29 7.95 22.27
N ARG D 94 13.43 6.95 22.38
CA ARG D 94 13.47 6.03 23.49
C ARG D 94 14.74 5.18 23.63
N MET D 95 15.33 4.77 22.51
CA MET D 95 16.51 3.95 22.57
C MET D 95 17.70 4.71 23.13
N PHE D 96 17.84 5.97 22.74
CA PHE D 96 18.96 6.76 23.22
C PHE D 96 18.86 6.99 24.73
N VAL D 97 17.64 7.26 25.20
CA VAL D 97 17.40 7.48 26.62
C VAL D 97 17.71 6.18 27.37
N ALA D 98 17.11 5.09 26.92
CA ALA D 98 17.33 3.81 27.59
C ALA D 98 18.75 3.23 27.43
N TYR D 99 19.42 3.52 26.32
CA TYR D 99 20.77 2.99 26.10
C TYR D 99 21.71 4.07 25.57
N PRO D 100 22.18 4.97 26.46
CA PRO D 100 23.07 6.11 26.18
C PRO D 100 24.38 5.71 25.49
N GLN D 101 24.87 4.50 25.76
CA GLN D 101 26.07 4.00 25.11
C GLN D 101 25.92 4.01 23.59
N LEU D 102 24.69 4.09 23.09
CA LEU D 102 24.47 4.15 21.67
C LEU D 102 25.16 5.38 21.13
N LYS D 103 25.27 6.40 21.98
CA LYS D 103 25.89 7.63 21.56
C LYS D 103 27.38 7.53 21.28
N GLU D 104 28.01 6.44 21.68
CA GLU D 104 29.44 6.25 21.45
C GLU D 104 29.76 6.11 19.97
N LYS D 105 28.79 5.59 19.21
CA LYS D 105 28.96 5.38 17.78
C LYS D 105 28.01 6.25 16.97
N LEU D 106 27.01 6.82 17.64
CA LEU D 106 25.97 7.64 17.00
C LEU D 106 25.69 8.87 17.82
N TRP D 107 26.61 9.82 17.73
CA TRP D 107 26.55 11.06 18.47
C TRP D 107 25.91 12.18 17.64
N GLY D 108 25.58 11.87 16.39
CA GLY D 108 24.99 12.86 15.50
C GLY D 108 23.49 13.07 15.62
N GLY D 109 22.87 12.47 16.62
CA GLY D 109 21.44 12.66 16.78
C GLY D 109 20.54 11.81 15.91
N ASN D 110 21.07 10.73 15.35
CA ASN D 110 20.29 9.83 14.50
C ASN D 110 20.60 8.41 14.85
N LEU D 111 19.59 7.62 15.15
CA LEU D 111 19.84 6.22 15.40
C LEU D 111 19.53 5.51 14.09
N TRP D 112 18.62 6.08 13.30
CA TRP D 112 18.20 5.42 12.06
C TRP D 112 18.56 6.07 10.75
N ASN D 113 18.76 5.21 9.75
CA ASN D 113 19.01 5.58 8.36
C ASN D 113 17.72 6.36 8.02
N PRO D 114 17.83 7.49 7.31
CA PRO D 114 16.63 8.26 6.95
C PRO D 114 15.65 7.57 5.96
N SER D 115 15.97 6.39 5.46
CA SER D 115 15.06 5.71 4.53
C SER D 115 14.34 4.51 5.15
N TYR D 116 13.26 4.09 4.50
CA TYR D 116 12.52 2.90 4.89
C TYR D 116 12.15 2.16 3.60
N CYS D 117 11.96 0.85 3.71
CA CYS D 117 11.60 0.02 2.58
C CYS D 117 10.27 -0.57 2.96
N ILE D 118 9.33 -0.56 2.03
CA ILE D 118 8.03 -1.07 2.37
C ILE D 118 7.39 -1.78 1.19
N LEU D 119 6.83 -2.94 1.47
CA LEU D 119 6.21 -3.76 0.45
C LEU D 119 4.84 -4.25 0.85
N THR D 120 3.86 -4.08 -0.02
CA THR D 120 2.56 -4.61 0.29
C THR D 120 2.67 -6.15 0.22
N VAL D 121 1.88 -6.82 1.05
CA VAL D 121 1.91 -8.28 1.13
C VAL D 121 0.51 -8.89 1.03
N SER D 122 0.42 -10.03 0.35
CA SER D 122 -0.85 -10.73 0.20
C SER D 122 -0.62 -12.23 0.13
N GLU D 123 -1.72 -12.98 0.15
CA GLU D 123 -1.68 -14.44 0.09
C GLU D 123 -1.76 -14.92 -1.37
N ASN D 124 -1.04 -14.24 -2.26
CA ASN D 124 -0.98 -14.53 -3.71
C ASN D 124 -0.26 -13.38 -4.42
N THR D 125 0.19 -13.62 -5.64
CA THR D 125 0.89 -12.61 -6.44
C THR D 125 -0.07 -11.83 -7.36
N ARG D 126 0.27 -10.59 -7.69
CA ARG D 126 -0.58 -9.77 -8.57
C ARG D 126 -0.80 -10.43 -9.92
N ALA D 127 0.19 -11.19 -10.39
CA ALA D 127 0.08 -11.89 -11.66
C ALA D 127 -1.15 -12.80 -11.63
N GLN D 128 -1.29 -13.53 -10.53
CA GLN D 128 -2.40 -14.45 -10.31
C GLN D 128 -3.70 -13.68 -10.05
N ILE D 129 -3.58 -12.61 -9.27
CA ILE D 129 -4.73 -11.80 -8.93
C ILE D 129 -5.34 -11.14 -10.16
N GLN D 130 -4.49 -10.64 -11.08
CA GLN D 130 -4.99 -9.99 -12.28
C GLN D 130 -5.69 -10.95 -13.24
N LYS D 131 -5.24 -12.21 -13.27
CA LYS D 131 -5.87 -13.22 -14.14
C LYS D 131 -7.26 -13.52 -13.59
N TYR D 132 -7.37 -13.60 -12.27
CA TYR D 132 -8.64 -13.86 -11.59
C TYR D 132 -9.62 -12.72 -11.90
N ILE D 133 -9.06 -11.52 -12.12
CA ILE D 133 -9.84 -10.33 -12.44
C ILE D 133 -10.34 -10.35 -13.89
N GLU D 134 -9.49 -10.83 -14.79
CA GLU D 134 -9.85 -10.88 -16.21
C GLU D 134 -10.86 -11.97 -16.58
N SER D 135 -11.13 -12.86 -15.64
CA SER D 135 -12.14 -13.91 -15.82
C SER D 135 -13.46 -13.29 -15.33
N GLN D 136 -14.58 -13.96 -15.54
CA GLN D 136 -15.86 -13.42 -15.09
C GLN D 136 -16.92 -14.49 -14.87
N HIS D 137 -17.18 -15.27 -15.93
CA HIS D 137 -18.20 -16.31 -15.92
C HIS D 137 -19.53 -15.56 -15.86
N GLU E 9 0.12 37.06 2.12
CA GLU E 9 -1.25 36.78 2.58
C GLU E 9 -2.02 38.02 3.05
N MET E 10 -1.45 38.76 3.99
CA MET E 10 -2.10 39.94 4.54
C MET E 10 -1.97 41.24 3.78
N LYS E 11 -2.97 42.10 3.94
CA LYS E 11 -3.00 43.40 3.31
C LYS E 11 -2.46 44.47 4.25
N LYS E 12 -1.93 45.54 3.68
CA LYS E 12 -1.35 46.62 4.47
C LYS E 12 -2.01 47.95 4.21
N GLY E 13 -2.11 48.74 5.27
CA GLY E 13 -2.65 50.09 5.19
C GLY E 13 -1.73 50.95 6.03
N ARG E 14 -2.04 52.24 6.15
CA ARG E 14 -1.17 53.13 6.92
C ARG E 14 -0.75 52.65 8.29
N GLY E 15 -1.70 52.31 9.16
CA GLY E 15 -1.33 51.91 10.52
C GLY E 15 -1.77 50.52 10.94
N TYR E 16 -1.80 49.62 9.98
CA TYR E 16 -2.31 48.29 10.27
C TYR E 16 -2.10 47.28 9.15
N VAL E 17 -2.12 46.01 9.51
CA VAL E 17 -2.01 44.92 8.57
C VAL E 17 -3.21 44.05 8.92
N TYR E 18 -3.85 43.47 7.91
CA TYR E 18 -5.08 42.77 8.16
C TYR E 18 -5.49 41.82 7.05
N GLN E 19 -6.48 41.01 7.39
CA GLN E 19 -7.09 40.07 6.47
C GLN E 19 -8.49 39.96 7.08
N LEU E 20 -9.46 40.60 6.45
CA LEU E 20 -10.82 40.60 6.97
C LEU E 20 -11.86 40.17 5.96
N GLU E 21 -12.55 39.09 6.28
CA GLU E 21 -13.56 38.53 5.41
C GLU E 21 -14.82 38.19 6.19
N TYR E 22 -15.97 38.43 5.55
CA TYR E 22 -17.25 38.18 6.18
C TYR E 22 -18.22 37.54 5.18
N HIS E 23 -19.08 36.66 5.68
CA HIS E 23 -20.11 36.05 4.87
C HIS E 23 -21.26 36.98 5.17
N LEU E 24 -21.97 37.44 4.14
CA LEU E 24 -23.09 38.36 4.37
C LEU E 24 -24.29 37.78 3.67
N ILE E 25 -25.36 37.58 4.42
CA ILE E 25 -26.59 37.04 3.88
C ILE E 25 -27.79 37.84 4.33
N TRP E 26 -28.73 38.06 3.42
CA TRP E 26 -29.98 38.74 3.76
C TRP E 26 -31.06 38.23 2.80
N CYS E 27 -32.32 38.33 3.22
CA CYS E 27 -33.43 37.85 2.43
C CYS E 27 -34.34 38.96 1.86
N VAL E 28 -35.19 38.57 0.91
CA VAL E 28 -36.19 39.44 0.29
C VAL E 28 -37.25 39.65 1.38
N LYS E 29 -37.96 40.77 1.33
CA LYS E 29 -38.99 41.00 2.34
C LYS E 29 -40.12 39.98 2.15
N TYR E 30 -40.63 39.44 3.25
CA TYR E 30 -41.69 38.43 3.22
C TYR E 30 -41.18 37.12 2.64
N ARG E 31 -39.87 37.04 2.42
CA ARG E 31 -39.26 35.85 1.83
C ARG E 31 -39.82 35.49 0.45
N HIS E 32 -40.38 36.47 -0.25
CA HIS E 32 -40.92 36.26 -1.59
C HIS E 32 -39.79 35.86 -2.51
N GLN E 33 -39.99 34.81 -3.31
CA GLN E 33 -38.96 34.39 -4.26
C GLN E 33 -39.12 35.26 -5.52
N VAL E 34 -38.42 36.40 -5.57
CA VAL E 34 -38.55 37.29 -6.71
C VAL E 34 -37.26 37.47 -7.49
N LEU E 35 -36.15 37.06 -6.90
CA LEU E 35 -34.85 37.21 -7.53
C LEU E 35 -34.59 36.08 -8.50
N VAL E 36 -35.28 36.11 -9.64
CA VAL E 36 -35.14 35.07 -10.64
C VAL E 36 -34.83 35.65 -12.02
N GLY E 37 -34.06 34.90 -12.80
CA GLY E 37 -33.71 35.31 -14.15
C GLY E 37 -33.11 36.69 -14.33
N GLU E 38 -33.70 37.47 -15.22
CA GLU E 38 -33.23 38.83 -15.52
C GLU E 38 -33.03 39.69 -14.26
N VAL E 39 -33.94 39.55 -13.30
CA VAL E 39 -33.92 40.29 -12.04
C VAL E 39 -32.69 39.91 -11.22
N ALA E 40 -32.32 38.62 -11.28
CA ALA E 40 -31.18 38.13 -10.54
C ALA E 40 -29.93 38.62 -11.21
N ASP E 41 -29.87 38.45 -12.53
CA ASP E 41 -28.73 38.87 -13.33
C ASP E 41 -28.44 40.34 -13.06
N GLY E 42 -29.51 41.13 -13.09
CA GLY E 42 -29.40 42.55 -12.84
C GLY E 42 -28.89 42.85 -11.44
N LEU E 43 -29.41 42.17 -10.44
CA LEU E 43 -28.99 42.43 -9.06
C LEU E 43 -27.48 42.21 -8.89
N LYS E 44 -26.94 41.19 -9.54
CA LYS E 44 -25.52 40.91 -9.44
C LYS E 44 -24.68 42.08 -9.92
N ASP E 45 -24.97 42.60 -11.11
CA ASP E 45 -24.25 43.75 -11.66
C ASP E 45 -24.34 44.95 -10.73
N ILE E 46 -25.53 45.18 -10.19
CA ILE E 46 -25.79 46.26 -9.27
C ILE E 46 -24.95 46.15 -7.99
N LEU E 47 -24.85 44.94 -7.44
CA LEU E 47 -24.07 44.75 -6.21
C LEU E 47 -22.58 44.84 -6.48
N ARG E 48 -22.14 44.35 -7.65
CA ARG E 48 -20.73 44.42 -8.02
C ARG E 48 -20.30 45.89 -8.13
N ASP E 49 -21.24 46.72 -8.59
CA ASP E 49 -21.05 48.16 -8.75
C ASP E 49 -20.92 48.82 -7.41
N ILE E 50 -21.91 48.55 -6.56
CA ILE E 50 -21.91 49.14 -5.22
C ILE E 50 -20.67 48.70 -4.44
N ALA E 51 -20.29 47.44 -4.62
CA ALA E 51 -19.11 46.93 -3.93
C ALA E 51 -17.90 47.78 -4.39
N ALA E 52 -17.74 47.89 -5.71
CA ALA E 52 -16.65 48.65 -6.31
C ALA E 52 -16.60 50.07 -5.77
N GLN E 53 -17.73 50.76 -5.81
CA GLN E 53 -17.86 52.12 -5.32
C GLN E 53 -17.41 52.30 -3.87
N ASN E 54 -17.62 51.28 -3.05
CA ASN E 54 -17.25 51.37 -1.63
C ASN E 54 -15.90 50.78 -1.30
N GLY E 55 -15.23 50.21 -2.28
CA GLY E 55 -13.93 49.61 -2.01
C GLY E 55 -14.02 48.31 -1.23
N LEU E 56 -15.02 47.50 -1.56
CA LEU E 56 -15.23 46.22 -0.93
C LEU E 56 -14.93 45.18 -1.99
N GLU E 57 -14.28 44.09 -1.60
CA GLU E 57 -14.00 43.05 -2.57
C GLU E 57 -15.05 41.95 -2.45
N VAL E 58 -15.61 41.56 -3.59
CA VAL E 58 -16.61 40.52 -3.59
C VAL E 58 -15.89 39.28 -4.04
N ILE E 59 -15.75 38.33 -3.14
CA ILE E 59 -15.07 37.10 -3.45
C ILE E 59 -16.04 36.08 -4.07
N THR E 60 -17.23 35.97 -3.47
CA THR E 60 -18.25 35.03 -3.92
C THR E 60 -19.58 35.73 -3.77
N MET E 61 -20.48 35.49 -4.73
CA MET E 61 -21.82 36.06 -4.70
C MET E 61 -22.80 35.03 -5.24
N GLU E 62 -23.88 34.79 -4.52
CA GLU E 62 -24.91 33.86 -4.98
C GLU E 62 -26.25 34.52 -4.75
N VAL E 63 -27.06 34.54 -5.80
CA VAL E 63 -28.37 35.15 -5.71
C VAL E 63 -29.42 34.05 -5.82
N MET E 64 -30.10 33.78 -4.72
CA MET E 64 -31.14 32.78 -4.73
C MET E 64 -32.45 33.55 -4.83
N PRO E 65 -33.48 32.92 -5.39
CA PRO E 65 -34.78 33.57 -5.54
C PRO E 65 -35.26 34.38 -4.34
N ASP E 66 -34.94 33.94 -3.14
CA ASP E 66 -35.41 34.66 -1.95
C ASP E 66 -34.32 35.27 -1.04
N HIS E 67 -33.05 35.12 -1.38
CA HIS E 67 -31.98 35.68 -0.54
C HIS E 67 -30.65 35.84 -1.26
N VAL E 68 -29.73 36.57 -0.65
CA VAL E 68 -28.42 36.83 -1.26
C VAL E 68 -27.31 36.45 -0.29
N HIS E 69 -26.20 36.01 -0.83
CA HIS E 69 -25.06 35.65 -0.03
C HIS E 69 -23.80 36.18 -0.67
N LEU E 70 -23.06 37.01 0.04
CA LEU E 70 -21.79 37.52 -0.46
C LEU E 70 -20.69 37.09 0.52
N LEU E 71 -19.47 36.95 0.00
CA LEU E 71 -18.31 36.66 0.81
C LEU E 71 -17.51 37.92 0.49
N LEU E 72 -17.44 38.84 1.44
CA LEU E 72 -16.77 40.14 1.26
C LEU E 72 -15.41 40.21 1.92
N SER E 73 -14.50 40.95 1.30
CA SER E 73 -13.21 41.18 1.92
C SER E 73 -13.21 42.69 2.12
N ALA E 74 -12.76 43.13 3.29
CA ALA E 74 -12.78 44.55 3.58
C ALA E 74 -11.54 45.06 4.34
N THR E 75 -11.57 46.36 4.59
CA THR E 75 -10.56 47.14 5.27
C THR E 75 -10.98 47.29 6.73
N PRO E 76 -10.04 47.56 7.66
CA PRO E 76 -10.42 47.71 9.06
C PRO E 76 -11.30 48.95 9.29
N GLN E 77 -11.28 49.89 8.35
CA GLN E 77 -12.09 51.10 8.46
C GLN E 77 -13.56 50.92 8.11
N GLN E 78 -13.86 49.91 7.30
CA GLN E 78 -15.21 49.64 6.85
C GLN E 78 -16.05 48.84 7.85
N ALA E 79 -16.75 49.56 8.73
CA ALA E 79 -17.60 48.95 9.75
C ALA E 79 -18.81 48.26 9.10
N ILE E 80 -19.22 47.15 9.72
CA ILE E 80 -20.32 46.36 9.19
C ILE E 80 -21.63 47.07 8.86
N PRO E 81 -22.20 47.85 9.80
CA PRO E 81 -23.45 48.52 9.49
C PRO E 81 -23.34 49.46 8.28
N ASP E 82 -22.17 50.03 8.05
CA ASP E 82 -22.01 50.94 6.95
C ASP E 82 -21.99 50.22 5.61
N PHE E 83 -21.21 49.14 5.48
CA PHE E 83 -21.22 48.48 4.19
C PHE E 83 -22.47 47.68 3.93
N VAL E 84 -23.21 47.33 4.99
CA VAL E 84 -24.46 46.60 4.80
C VAL E 84 -25.47 47.58 4.24
N LYS E 85 -25.51 48.79 4.83
CA LYS E 85 -26.42 49.82 4.35
C LYS E 85 -26.13 50.09 2.88
N ALA E 86 -24.86 50.27 2.56
CA ALA E 86 -24.46 50.53 1.19
C ALA E 86 -25.00 49.45 0.25
N LEU E 87 -24.69 48.20 0.55
CA LEU E 87 -25.14 47.10 -0.28
C LEU E 87 -26.67 46.92 -0.36
N LYS E 88 -27.35 46.96 0.78
CA LYS E 88 -28.80 46.76 0.80
C LYS E 88 -29.64 47.94 0.35
N GLY E 89 -29.45 49.09 1.00
CA GLY E 89 -30.19 50.30 0.67
C GLY E 89 -30.11 50.71 -0.80
N ALA E 90 -28.89 50.87 -1.30
CA ALA E 90 -28.72 51.26 -2.70
C ALA E 90 -29.19 50.24 -3.71
N SER E 91 -29.03 48.95 -3.40
CA SER E 91 -29.46 47.91 -4.33
C SER E 91 -30.98 47.89 -4.40
N ALA E 92 -31.64 48.15 -3.29
CA ALA E 92 -33.10 48.15 -3.29
C ALA E 92 -33.54 49.28 -4.21
N ARG E 93 -33.02 50.47 -3.95
CA ARG E 93 -33.32 51.67 -4.73
C ARG E 93 -33.19 51.38 -6.23
N ARG E 94 -32.05 50.86 -6.64
CA ARG E 94 -31.84 50.59 -8.06
C ARG E 94 -32.67 49.44 -8.65
N MET E 95 -32.92 48.43 -7.84
CA MET E 95 -33.70 47.27 -8.28
C MET E 95 -35.12 47.69 -8.64
N PHE E 96 -35.74 48.50 -7.78
CA PHE E 96 -37.10 48.95 -8.02
C PHE E 96 -37.16 49.83 -9.27
N VAL E 97 -36.14 50.66 -9.45
CA VAL E 97 -36.10 51.52 -10.61
C VAL E 97 -35.84 50.72 -11.88
N ALA E 98 -34.98 49.71 -11.82
CA ALA E 98 -34.68 48.93 -12.99
C ALA E 98 -35.77 47.89 -13.28
N TYR E 99 -36.40 47.40 -12.22
CA TYR E 99 -37.40 46.37 -12.35
C TYR E 99 -38.67 46.72 -11.60
N PRO E 100 -39.50 47.60 -12.19
CA PRO E 100 -40.76 48.02 -11.58
C PRO E 100 -41.67 46.82 -11.30
N GLN E 101 -41.49 45.73 -12.04
CA GLN E 101 -42.31 44.53 -11.84
C GLN E 101 -42.19 43.97 -10.40
N LEU E 102 -41.15 44.37 -9.68
CA LEU E 102 -40.98 43.94 -8.28
C LEU E 102 -42.15 44.50 -7.48
N LYS E 103 -42.73 45.60 -7.96
CA LYS E 103 -43.85 46.22 -7.25
C LYS E 103 -45.12 45.38 -7.15
N GLU E 104 -45.32 44.45 -8.08
CA GLU E 104 -46.52 43.61 -8.07
C GLU E 104 -46.56 42.72 -6.82
N LYS E 105 -45.39 42.41 -6.28
CA LYS E 105 -45.28 41.58 -5.09
C LYS E 105 -44.76 42.34 -3.89
N LEU E 106 -44.02 43.43 -4.15
CA LEU E 106 -43.44 44.27 -3.10
C LEU E 106 -43.86 45.71 -3.41
N TRP E 107 -44.95 46.12 -2.77
CA TRP E 107 -45.55 47.44 -2.95
C TRP E 107 -45.47 48.32 -1.72
N GLY E 108 -44.90 47.80 -0.64
CA GLY E 108 -44.79 48.58 0.58
C GLY E 108 -43.47 49.34 0.72
N GLY E 109 -42.72 49.45 -0.38
CA GLY E 109 -41.46 50.18 -0.35
C GLY E 109 -40.19 49.45 0.08
N ASN E 110 -40.24 48.14 0.29
CA ASN E 110 -39.04 47.39 0.69
C ASN E 110 -38.80 46.23 -0.25
N LEU E 111 -37.54 45.97 -0.56
CA LEU E 111 -37.17 44.84 -1.39
C LEU E 111 -36.61 43.84 -0.41
N TRP E 112 -35.99 44.33 0.64
CA TRP E 112 -35.32 43.45 1.59
C TRP E 112 -35.90 43.31 2.96
N ASN E 113 -35.62 42.16 3.54
CA ASN E 113 -35.95 41.84 4.89
C ASN E 113 -35.02 42.83 5.66
N PRO E 114 -35.48 43.42 6.77
CA PRO E 114 -34.66 44.37 7.55
C PRO E 114 -33.69 43.67 8.49
N SER E 115 -33.04 42.61 8.03
CA SER E 115 -32.09 41.91 8.89
C SER E 115 -30.98 41.41 8.03
N TYR E 116 -29.83 41.17 8.65
CA TYR E 116 -28.68 40.66 7.93
C TYR E 116 -28.00 39.62 8.81
N CYS E 117 -27.19 38.78 8.19
CA CYS E 117 -26.46 37.75 8.93
C CYS E 117 -25.02 37.92 8.49
N ILE E 118 -24.09 38.07 9.45
CA ILE E 118 -22.65 38.22 9.11
C ILE E 118 -21.82 37.26 9.96
N LEU E 119 -20.85 36.63 9.31
CA LEU E 119 -19.96 35.74 10.00
C LEU E 119 -18.59 36.14 9.54
N THR E 120 -17.65 36.22 10.48
CA THR E 120 -16.28 36.54 10.13
C THR E 120 -15.69 35.21 9.71
N VAL E 121 -14.72 35.25 8.82
CA VAL E 121 -14.05 34.03 8.36
C VAL E 121 -12.63 34.34 8.01
N SER E 122 -11.78 33.35 8.13
CA SER E 122 -10.39 33.56 7.79
C SER E 122 -10.16 32.93 6.43
N GLU E 123 -9.38 33.60 5.60
CA GLU E 123 -9.10 33.02 4.28
C GLU E 123 -8.14 31.84 4.46
N ASN E 124 -7.34 31.91 5.52
CA ASN E 124 -6.37 30.87 5.83
C ASN E 124 -6.90 29.84 6.80
N THR E 125 -6.19 28.72 6.87
CA THR E 125 -6.51 27.62 7.75
C THR E 125 -6.14 27.99 9.18
N ARG E 126 -6.67 27.25 10.14
CA ARG E 126 -6.35 27.49 11.53
C ARG E 126 -4.88 27.10 11.72
N ALA E 127 -4.40 26.22 10.84
CA ALA E 127 -3.02 25.75 10.83
C ALA E 127 -2.15 26.93 10.42
N GLN E 128 -2.56 27.62 9.36
CA GLN E 128 -1.82 28.78 8.90
C GLN E 128 -1.81 29.88 9.95
N ILE E 129 -2.92 30.03 10.66
CA ILE E 129 -3.02 31.06 11.69
C ILE E 129 -2.29 30.68 12.99
N GLN E 130 -2.37 29.42 13.41
CA GLN E 130 -1.69 28.98 14.63
C GLN E 130 -0.17 29.18 14.53
N LYS E 131 0.39 28.90 13.35
CA LYS E 131 1.82 29.06 13.12
C LYS E 131 2.23 30.52 13.13
N TYR E 132 1.53 31.36 12.37
CA TYR E 132 1.83 32.80 12.30
C TYR E 132 1.93 33.43 13.69
N ILE E 133 1.14 32.90 14.62
CA ILE E 133 1.09 33.38 15.99
C ILE E 133 2.13 32.77 16.96
N GLU E 134 2.74 31.65 16.60
CA GLU E 134 3.76 31.02 17.45
C GLU E 134 5.17 31.50 17.10
N GLU F 9 -25.17 28.39 17.58
CA GLU F 9 -23.93 28.94 17.03
C GLU F 9 -24.00 30.45 16.76
N MET F 10 -25.17 30.95 16.35
CA MET F 10 -25.34 32.38 16.06
C MET F 10 -25.72 33.19 17.30
N LYS F 11 -25.53 34.50 17.23
CA LYS F 11 -25.86 35.40 18.31
C LYS F 11 -26.92 36.32 17.74
N LYS F 12 -27.80 36.84 18.59
CA LYS F 12 -28.87 37.68 18.07
C LYS F 12 -28.97 39.09 18.63
N GLY F 13 -29.21 40.05 17.75
CA GLY F 13 -29.35 41.44 18.14
C GLY F 13 -30.65 41.90 17.52
N ARG F 14 -31.03 43.16 17.78
CA ARG F 14 -32.28 43.66 17.22
C ARG F 14 -32.48 43.45 15.73
N GLY F 15 -31.50 43.78 14.91
CA GLY F 15 -31.71 43.62 13.49
C GLY F 15 -30.67 42.83 12.76
N TYR F 16 -30.13 41.81 13.40
CA TYR F 16 -29.07 41.03 12.79
C TYR F 16 -28.74 39.81 13.62
N VAL F 17 -28.08 38.83 13.00
CA VAL F 17 -27.67 37.61 13.67
C VAL F 17 -26.21 37.45 13.27
N TYR F 18 -25.35 37.04 14.21
CA TYR F 18 -23.94 37.02 13.89
C TYR F 18 -23.03 36.14 14.74
N GLN F 19 -21.82 36.00 14.23
CA GLN F 19 -20.74 35.29 14.89
C GLN F 19 -19.53 36.06 14.33
N LEU F 20 -18.94 36.93 15.14
CA LEU F 20 -17.82 37.77 14.72
C LEU F 20 -16.64 37.65 15.64
N GLU F 21 -15.58 37.01 15.16
CA GLU F 21 -14.38 36.85 15.94
C GLU F 21 -13.19 37.44 15.20
N TYR F 22 -12.18 37.87 15.94
CA TYR F 22 -11.01 38.48 15.36
C TYR F 22 -9.75 38.16 16.18
N HIS F 23 -8.62 37.95 15.51
CA HIS F 23 -7.38 37.76 16.23
C HIS F 23 -6.80 39.17 16.11
N LEU F 24 -6.30 39.70 17.21
CA LEU F 24 -5.72 41.05 17.26
C LEU F 24 -4.35 40.94 17.90
N ILE F 25 -3.34 41.45 17.22
CA ILE F 25 -1.97 41.39 17.72
C ILE F 25 -1.30 42.74 17.56
N TRP F 26 -0.44 43.09 18.52
CA TRP F 26 0.31 44.34 18.45
C TRP F 26 1.56 44.17 19.31
N CYS F 27 2.62 44.90 18.99
CA CYS F 27 3.87 44.82 19.72
C CYS F 27 4.21 46.06 20.56
N VAL F 28 5.24 45.90 21.40
CA VAL F 28 5.77 46.96 22.24
C VAL F 28 6.58 47.87 21.29
N LYS F 29 6.51 49.18 21.49
CA LYS F 29 7.26 50.12 20.63
C LYS F 29 8.76 49.75 20.69
N TYR F 30 9.44 49.81 19.54
CA TYR F 30 10.88 49.48 19.44
C TYR F 30 11.12 47.97 19.64
N ARG F 31 10.03 47.23 19.77
CA ARG F 31 10.03 45.79 20.01
C ARG F 31 10.79 45.43 21.30
N HIS F 32 10.68 46.30 22.30
CA HIS F 32 11.34 46.05 23.59
C HIS F 32 10.65 44.87 24.29
N GLN F 33 11.44 43.94 24.81
CA GLN F 33 10.91 42.76 25.50
C GLN F 33 10.56 43.04 26.97
N VAL F 34 9.67 43.99 27.24
CA VAL F 34 9.31 44.32 28.61
C VAL F 34 8.12 43.61 29.27
N LEU F 35 7.27 42.95 28.49
CA LEU F 35 6.11 42.26 29.07
C LEU F 35 6.44 40.89 29.65
N VAL F 36 7.19 40.90 30.74
CA VAL F 36 7.60 39.68 31.43
C VAL F 36 7.21 39.77 32.90
N GLY F 37 7.23 38.63 33.58
CA GLY F 37 6.91 38.56 35.00
C GLY F 37 5.67 39.29 35.45
N GLU F 38 5.80 40.06 36.52
CA GLU F 38 4.66 40.78 37.07
C GLU F 38 4.11 41.89 36.20
N VAL F 39 4.86 42.32 35.19
CA VAL F 39 4.39 43.39 34.31
C VAL F 39 3.34 42.85 33.34
N ALA F 40 3.60 41.64 32.86
CA ALA F 40 2.69 40.98 31.94
C ALA F 40 1.37 40.77 32.69
N ASP F 41 1.48 40.18 33.89
CA ASP F 41 0.35 39.88 34.76
C ASP F 41 -0.60 41.05 34.91
N GLY F 42 -0.06 42.23 35.18
CA GLY F 42 -0.90 43.40 35.35
C GLY F 42 -1.62 43.84 34.09
N LEU F 43 -0.96 43.64 32.94
CA LEU F 43 -1.53 44.03 31.65
C LEU F 43 -2.78 43.19 31.38
N LYS F 44 -2.66 41.88 31.62
CA LYS F 44 -3.76 40.95 31.44
C LYS F 44 -4.99 41.47 32.17
N ASP F 45 -4.83 41.75 33.46
CA ASP F 45 -5.92 42.27 34.27
C ASP F 45 -6.47 43.57 33.67
N ILE F 46 -5.58 44.50 33.30
CA ILE F 46 -5.99 45.77 32.72
C ILE F 46 -6.79 45.56 31.44
N LEU F 47 -6.35 44.62 30.60
CA LEU F 47 -7.04 44.35 29.34
C LEU F 47 -8.37 43.64 29.55
N ARG F 48 -8.39 42.69 30.47
CA ARG F 48 -9.63 41.97 30.80
C ARG F 48 -10.63 43.03 31.25
N ASP F 49 -10.16 43.95 32.08
CA ASP F 49 -11.04 44.99 32.58
C ASP F 49 -11.50 45.93 31.48
N ILE F 50 -10.59 46.31 30.57
CA ILE F 50 -10.96 47.22 29.49
C ILE F 50 -12.00 46.56 28.56
N ALA F 51 -11.78 45.29 28.24
CA ALA F 51 -12.70 44.56 27.37
C ALA F 51 -14.09 44.54 28.02
N ALA F 52 -14.13 44.16 29.29
CA ALA F 52 -15.38 44.11 30.03
C ALA F 52 -16.10 45.47 30.00
N GLN F 53 -15.37 46.55 30.21
CA GLN F 53 -15.94 47.90 30.20
C GLN F 53 -16.40 48.34 28.80
N ASN F 54 -15.85 47.74 27.76
CA ASN F 54 -16.25 48.13 26.40
C ASN F 54 -17.15 47.10 25.74
N GLY F 55 -17.54 46.09 26.52
CA GLY F 55 -18.43 45.05 26.04
C GLY F 55 -17.82 44.18 24.96
N LEU F 56 -16.67 43.60 25.25
CA LEU F 56 -15.98 42.73 24.31
C LEU F 56 -15.65 41.45 25.04
N GLU F 57 -15.83 40.32 24.36
CA GLU F 57 -15.53 39.05 25.00
C GLU F 57 -14.13 38.70 24.58
N VAL F 58 -13.32 38.31 25.56
CA VAL F 58 -11.97 37.90 25.28
C VAL F 58 -12.05 36.40 25.39
N ILE F 59 -11.76 35.72 24.29
CA ILE F 59 -11.79 34.26 24.26
C ILE F 59 -10.42 33.71 24.64
N THR F 60 -9.36 34.34 24.13
CA THR F 60 -7.99 33.95 24.43
C THR F 60 -7.13 35.21 24.61
N MET F 61 -6.11 35.10 25.46
CA MET F 61 -5.20 36.21 25.72
C MET F 61 -3.81 35.72 26.08
N GLU F 62 -2.86 36.02 25.20
CA GLU F 62 -1.48 35.61 25.41
C GLU F 62 -0.61 36.85 25.36
N VAL F 63 0.28 36.98 26.34
CA VAL F 63 1.19 38.11 26.41
C VAL F 63 2.62 37.59 26.39
N MET F 64 3.32 37.94 25.33
CA MET F 64 4.70 37.54 25.17
C MET F 64 5.57 38.74 25.55
N PRO F 65 6.88 38.51 25.72
CA PRO F 65 7.79 39.59 26.09
C PRO F 65 7.64 40.88 25.24
N ASP F 66 7.50 40.74 23.92
CA ASP F 66 7.38 41.92 23.07
C ASP F 66 6.06 42.20 22.37
N HIS F 67 5.05 41.35 22.55
CA HIS F 67 3.75 41.55 21.88
C HIS F 67 2.57 40.88 22.55
N VAL F 68 1.37 41.33 22.17
CA VAL F 68 0.13 40.79 22.70
C VAL F 68 -0.77 40.21 21.59
N HIS F 69 -1.45 39.12 21.96
CA HIS F 69 -2.35 38.45 21.07
C HIS F 69 -3.67 38.20 21.78
N LEU F 70 -4.74 38.70 21.20
CA LEU F 70 -6.05 38.49 21.74
C LEU F 70 -6.89 37.82 20.68
N LEU F 71 -7.86 37.03 21.13
CA LEU F 71 -8.82 36.37 20.24
C LEU F 71 -10.07 36.98 20.80
N LEU F 72 -10.71 37.84 20.05
CA LEU F 72 -11.90 38.53 20.51
C LEU F 72 -13.17 38.10 19.78
N SER F 73 -14.29 38.31 20.45
CA SER F 73 -15.61 38.03 19.89
C SER F 73 -16.36 39.34 20.13
N ALA F 74 -17.00 39.86 19.09
CA ALA F 74 -17.70 41.11 19.17
C ALA F 74 -19.02 41.20 18.43
N THR F 75 -19.65 42.34 18.62
CA THR F 75 -20.92 42.72 18.04
C THR F 75 -20.69 43.44 16.70
N PRO F 76 -21.69 43.42 15.81
CA PRO F 76 -21.59 44.08 14.52
C PRO F 76 -21.33 45.60 14.61
N GLN F 77 -21.86 46.21 15.67
CA GLN F 77 -21.70 47.65 15.87
C GLN F 77 -20.37 48.08 16.52
N GLN F 78 -19.57 47.13 16.99
CA GLN F 78 -18.28 47.44 17.61
C GLN F 78 -17.16 47.47 16.54
N ALA F 79 -16.96 48.62 15.92
CA ALA F 79 -15.96 48.75 14.86
C ALA F 79 -14.51 48.54 15.33
N ILE F 80 -13.70 47.98 14.43
CA ILE F 80 -12.28 47.66 14.70
C ILE F 80 -11.43 48.81 15.24
N PRO F 81 -11.36 49.94 14.50
CA PRO F 81 -10.57 51.09 14.95
C PRO F 81 -10.91 51.46 16.36
N ASP F 82 -12.21 51.50 16.64
CA ASP F 82 -12.69 51.84 17.97
C ASP F 82 -12.23 50.89 19.06
N PHE F 83 -12.44 49.58 18.93
CA PHE F 83 -11.99 48.73 20.03
C PHE F 83 -10.48 48.60 20.18
N VAL F 84 -9.75 48.75 19.07
CA VAL F 84 -8.30 48.67 19.15
C VAL F 84 -7.79 49.89 19.92
N LYS F 85 -8.35 51.07 19.62
CA LYS F 85 -7.96 52.29 20.32
C LYS F 85 -8.15 52.11 21.83
N ALA F 86 -9.30 51.54 22.19
CA ALA F 86 -9.65 51.28 23.59
C ALA F 86 -8.68 50.33 24.25
N LEU F 87 -8.45 49.18 23.65
CA LEU F 87 -7.53 48.21 24.24
C LEU F 87 -6.08 48.71 24.30
N LYS F 88 -5.61 49.36 23.23
CA LYS F 88 -4.22 49.84 23.20
C LYS F 88 -4.04 51.10 24.04
N GLY F 89 -4.76 52.16 23.66
CA GLY F 89 -4.67 53.45 24.37
C GLY F 89 -4.80 53.36 25.88
N ALA F 90 -5.96 52.93 26.36
CA ALA F 90 -6.19 52.82 27.79
C ALA F 90 -5.15 51.95 28.48
N SER F 91 -4.82 50.80 27.91
CA SER F 91 -3.84 49.92 28.55
C SER F 91 -2.46 50.58 28.72
N ALA F 92 -2.09 51.44 27.76
CA ALA F 92 -0.80 52.15 27.79
C ALA F 92 -0.85 53.22 28.88
N ARG F 93 -1.91 54.03 28.86
CA ARG F 93 -2.10 55.08 29.84
C ARG F 93 -2.07 54.51 31.25
N ARG F 94 -2.45 53.25 31.41
CA ARG F 94 -2.45 52.61 32.72
C ARG F 94 -1.19 51.83 33.06
N MET F 95 -0.58 51.18 32.08
CA MET F 95 0.63 50.40 32.35
C MET F 95 1.80 51.24 32.88
N PHE F 96 1.86 52.49 32.43
CA PHE F 96 2.90 53.39 32.87
C PHE F 96 2.71 53.73 34.36
N VAL F 97 1.46 53.95 34.76
CA VAL F 97 1.12 54.26 36.14
C VAL F 97 1.49 53.11 37.09
N ALA F 98 0.78 51.99 36.96
CA ALA F 98 1.02 50.83 37.80
C ALA F 98 2.45 50.32 37.72
N TYR F 99 3.06 50.52 36.56
CA TYR F 99 4.42 50.08 36.32
C TYR F 99 5.26 51.23 35.80
N PRO F 100 5.80 52.06 36.72
CA PRO F 100 6.63 53.22 36.39
C PRO F 100 8.01 52.84 35.83
N GLN F 101 8.52 51.67 36.23
CA GLN F 101 9.81 51.19 35.76
C GLN F 101 9.85 51.03 34.22
N LEU F 102 8.69 51.11 33.59
CA LEU F 102 8.60 51.01 32.13
C LEU F 102 9.21 52.26 31.50
N LYS F 103 9.07 53.39 32.18
CA LYS F 103 9.62 54.64 31.68
C LYS F 103 11.15 54.63 31.48
N GLU F 104 11.82 53.68 32.15
CA GLU F 104 13.27 53.53 32.04
C GLU F 104 13.68 53.31 30.60
N LYS F 105 12.98 52.41 29.93
CA LYS F 105 13.27 52.11 28.54
C LYS F 105 12.23 52.65 27.59
N LEU F 106 11.14 53.17 28.14
CA LEU F 106 10.08 53.74 27.32
C LEU F 106 9.67 55.18 27.68
N TRP F 107 10.67 56.06 27.69
CA TRP F 107 10.39 57.46 27.93
C TRP F 107 9.87 57.81 26.53
N GLY F 108 9.45 59.03 26.26
CA GLY F 108 8.96 59.25 24.91
C GLY F 108 7.46 59.14 24.81
N GLY F 109 6.81 58.55 25.82
CA GLY F 109 5.36 58.44 25.84
C GLY F 109 4.64 57.41 24.97
N ASN F 110 5.32 56.32 24.60
CA ASN F 110 4.67 55.30 23.79
C ASN F 110 5.01 53.93 24.36
N LEU F 111 3.99 53.18 24.75
CA LEU F 111 4.23 51.83 25.25
C LEU F 111 4.13 50.85 24.05
N TRP F 112 3.29 51.19 23.08
CA TRP F 112 3.04 50.31 21.93
C TRP F 112 3.43 50.83 20.57
N ASN F 113 3.67 49.87 19.70
CA ASN F 113 3.98 50.09 18.30
C ASN F 113 2.67 50.70 17.80
N PRO F 114 2.74 51.74 16.98
CA PRO F 114 1.56 52.41 16.43
C PRO F 114 0.66 51.59 15.46
N SER F 115 1.10 50.41 15.07
CA SER F 115 0.32 49.57 14.16
C SER F 115 -0.34 48.42 14.90
N TYR F 116 -1.33 47.82 14.25
CA TYR F 116 -2.01 46.65 14.81
C TYR F 116 -2.26 45.66 13.66
N CYS F 117 -2.33 44.38 14.00
CA CYS F 117 -2.58 43.32 13.03
C CYS F 117 -3.92 42.71 13.43
N ILE F 118 -4.84 42.61 12.46
CA ILE F 118 -6.16 42.06 12.74
C ILE F 118 -6.63 41.09 11.66
N LEU F 119 -7.23 39.98 12.09
CA LEU F 119 -7.71 38.94 11.17
C LEU F 119 -9.07 38.41 11.61
N THR F 120 -9.99 38.28 10.67
CA THR F 120 -11.27 37.71 10.96
C THR F 120 -11.05 36.19 11.15
N VAL F 121 -11.91 35.56 11.96
CA VAL F 121 -11.84 34.15 12.30
C VAL F 121 -13.26 33.69 12.62
N SER F 122 -13.62 32.47 12.22
CA SER F 122 -14.94 31.96 12.61
C SER F 122 -14.72 30.88 13.64
N GLU F 123 -15.72 30.67 14.49
CA GLU F 123 -15.65 29.63 15.51
C GLU F 123 -15.95 28.27 14.85
N ASN F 124 -16.71 28.32 13.75
CA ASN F 124 -17.13 27.14 13.00
C ASN F 124 -16.21 26.83 11.82
N THR F 125 -16.23 25.57 11.39
CA THR F 125 -15.41 25.13 10.27
C THR F 125 -15.97 25.53 8.93
N ARG F 126 -15.10 25.49 7.92
CA ARG F 126 -15.43 25.78 6.52
C ARG F 126 -16.64 24.92 6.12
N ALA F 127 -16.54 23.61 6.36
CA ALA F 127 -17.62 22.69 6.04
C ALA F 127 -18.94 23.04 6.75
N GLN F 128 -18.88 23.43 8.02
CA GLN F 128 -20.09 23.78 8.75
C GLN F 128 -20.79 25.00 8.19
N ILE F 129 -20.00 25.99 7.75
CA ILE F 129 -20.51 27.23 7.20
C ILE F 129 -21.06 26.96 5.82
N GLN F 130 -20.30 26.21 5.04
CA GLN F 130 -20.70 25.82 3.69
C GLN F 130 -22.07 25.17 3.77
N LYS F 131 -22.28 24.34 4.78
CA LYS F 131 -23.56 23.64 4.97
C LYS F 131 -24.72 24.59 5.27
N TYR F 132 -24.48 25.60 6.10
CA TYR F 132 -25.52 26.58 6.47
C TYR F 132 -25.92 27.37 5.22
N ILE F 133 -24.92 27.67 4.40
CA ILE F 133 -25.08 28.44 3.18
C ILE F 133 -25.74 27.69 2.03
N GLU F 134 -25.37 26.42 1.85
CA GLU F 134 -25.91 25.56 0.79
C GLU F 134 -25.68 26.13 -0.62
#